data_2MS3
#
_entry.id   2MS3
#
loop_
_entity.id
_entity.type
_entity.pdbx_description
1 polymer 'Anaerobic nitric oxide reductase flavorubredoxin'
2 non-polymer 'ZINC ION'
#
_entity_poly.entity_id   1
_entity_poly.type   'polypeptide(L)'
_entity_poly.pdbx_seq_one_letter_code
;GPRMQCSVCQWIYDPAKGEPMQDVAPGTPWSEVPDNFLCPECSLGKDVFEELASEAK
;
_entity_poly.pdbx_strand_id   A
#
# COMPACT_ATOMS: atom_id res chain seq x y z
N GLY A 1 -6.06 6.90 9.28
CA GLY A 1 -4.74 6.37 8.95
C GLY A 1 -4.71 4.85 9.09
N PRO A 2 -5.32 4.18 8.11
CA PRO A 2 -5.41 2.74 8.03
C PRO A 2 -4.12 2.17 7.46
N ARG A 3 -3.97 0.86 7.51
CA ARG A 3 -2.77 0.22 7.00
C ARG A 3 -3.12 -1.16 6.42
N MET A 4 -2.49 -1.46 5.30
CA MET A 4 -2.71 -2.74 4.64
C MET A 4 -1.52 -3.67 4.84
N GLN A 5 -1.62 -4.85 4.23
CA GLN A 5 -0.56 -5.84 4.33
C GLN A 5 -0.76 -6.94 3.28
N CYS A 6 0.36 -7.46 2.81
CA CYS A 6 0.32 -8.52 1.80
C CYS A 6 0.44 -9.86 2.52
N SER A 7 -0.49 -10.75 2.19
CA SER A 7 -0.50 -12.07 2.80
C SER A 7 0.48 -12.99 2.06
N VAL A 8 1.68 -12.48 1.87
CA VAL A 8 2.72 -13.24 1.17
C VAL A 8 4.04 -13.08 1.90
N CYS A 9 4.46 -11.82 2.04
CA CYS A 9 5.70 -11.50 2.71
C CYS A 9 5.37 -10.93 4.09
N GLN A 10 4.24 -10.23 4.14
CA GLN A 10 3.81 -9.63 5.39
C GLN A 10 4.42 -8.23 5.55
N TRP A 11 4.08 -7.37 4.59
CA TRP A 11 4.58 -6.00 4.61
C TRP A 11 3.39 -5.07 4.86
N ILE A 12 3.49 -4.33 5.96
CA ILE A 12 2.44 -3.41 6.33
C ILE A 12 2.64 -2.09 5.58
N TYR A 13 1.53 -1.55 5.06
CA TYR A 13 1.55 -0.32 4.32
C TYR A 13 0.92 0.79 5.14
N ASP A 14 1.76 1.58 5.81
CA ASP A 14 1.27 2.67 6.63
C ASP A 14 1.30 3.97 5.82
N PRO A 15 0.11 4.48 5.52
CA PRO A 15 -0.10 5.69 4.77
C PRO A 15 0.67 6.83 5.40
N ALA A 16 1.05 6.66 6.67
CA ALA A 16 1.79 7.68 7.38
C ALA A 16 3.26 7.62 6.97
N LYS A 17 3.59 6.55 6.26
CA LYS A 17 4.97 6.35 5.81
C LYS A 17 4.96 6.10 4.30
N GLY A 18 4.16 5.14 3.89
CA GLY A 18 4.05 4.79 2.48
C GLY A 18 5.44 4.75 1.83
N GLU A 19 5.43 4.76 0.50
CA GLU A 19 6.66 4.72 -0.26
C GLU A 19 6.73 5.90 -1.23
N PRO A 20 6.67 7.11 -0.65
CA PRO A 20 6.71 8.36 -1.37
C PRO A 20 7.83 8.31 -2.40
N MET A 21 8.81 7.43 -2.19
CA MET A 21 9.91 7.31 -3.12
C MET A 21 9.64 6.22 -4.16
N GLN A 22 8.36 5.97 -4.37
CA GLN A 22 7.95 4.96 -5.34
C GLN A 22 6.72 5.44 -6.12
N ASP A 23 6.50 6.75 -6.06
CA ASP A 23 5.37 7.34 -6.76
C ASP A 23 4.12 7.20 -5.90
N VAL A 24 4.34 6.97 -4.62
CA VAL A 24 3.24 6.82 -3.67
C VAL A 24 3.59 7.53 -2.37
N ALA A 25 3.07 8.75 -2.24
CA ALA A 25 3.32 9.55 -1.05
C ALA A 25 2.32 9.16 0.04
N PRO A 26 2.73 9.37 1.29
CA PRO A 26 1.94 9.08 2.47
C PRO A 26 0.54 9.64 2.29
N GLY A 27 -0.40 9.11 3.06
CA GLY A 27 -1.78 9.57 2.99
C GLY A 27 -2.32 9.42 1.56
N THR A 28 -2.20 8.21 1.04
CA THR A 28 -2.66 7.92 -0.30
C THR A 28 -3.67 6.77 -0.28
N PRO A 29 -4.75 6.94 -1.04
CA PRO A 29 -5.82 5.97 -1.18
C PRO A 29 -5.33 4.77 -1.97
N TRP A 30 -5.45 3.59 -1.38
CA TRP A 30 -5.01 2.37 -2.04
C TRP A 30 -5.58 2.38 -3.46
N SER A 31 -6.72 3.03 -3.61
CA SER A 31 -7.38 3.11 -4.90
C SER A 31 -6.51 3.91 -5.87
N GLU A 32 -6.02 5.04 -5.39
CA GLU A 32 -5.18 5.89 -6.20
C GLU A 32 -3.87 5.18 -6.55
N VAL A 33 -3.38 4.39 -5.59
CA VAL A 33 -2.15 3.66 -5.78
C VAL A 33 -2.20 2.93 -7.12
N PRO A 34 -1.39 3.42 -8.07
CA PRO A 34 -1.29 2.89 -9.40
C PRO A 34 -0.89 1.42 -9.34
N ASP A 35 -1.60 0.58 -10.06
CA ASP A 35 -1.31 -0.85 -10.07
C ASP A 35 0.19 -1.05 -10.29
N ASN A 36 0.81 -0.06 -10.90
CA ASN A 36 2.23 -0.12 -11.18
C ASN A 36 2.98 -0.47 -9.89
N PHE A 37 2.34 -0.20 -8.78
CA PHE A 37 2.93 -0.49 -7.48
C PHE A 37 3.00 -1.99 -7.23
N LEU A 38 4.16 -2.42 -6.76
CA LEU A 38 4.37 -3.84 -6.48
C LEU A 38 5.23 -3.98 -5.21
N CYS A 39 4.69 -4.73 -4.26
CA CYS A 39 5.39 -4.95 -3.01
C CYS A 39 6.88 -5.14 -3.31
N PRO A 40 7.71 -4.39 -2.59
CA PRO A 40 9.14 -4.41 -2.71
C PRO A 40 9.69 -5.69 -2.09
N GLU A 41 8.79 -6.54 -1.61
CA GLU A 41 9.21 -7.80 -1.00
C GLU A 41 8.51 -8.98 -1.69
N CYS A 42 7.27 -8.74 -2.08
CA CYS A 42 6.48 -9.76 -2.74
C CYS A 42 5.59 -9.08 -3.78
N SER A 43 6.17 -8.13 -4.49
CA SER A 43 5.45 -7.41 -5.51
C SER A 43 3.95 -7.54 -5.29
N LEU A 44 3.36 -8.54 -5.94
CA LEU A 44 1.94 -8.79 -5.82
C LEU A 44 1.19 -7.98 -6.88
N GLY A 45 0.15 -8.61 -7.42
CA GLY A 45 -0.65 -7.96 -8.45
C GLY A 45 -1.75 -7.09 -7.82
N LYS A 46 -1.55 -6.76 -6.55
CA LYS A 46 -2.51 -5.94 -5.84
C LYS A 46 -3.80 -6.73 -5.65
N ASP A 47 -3.75 -7.99 -6.01
CA ASP A 47 -4.91 -8.86 -5.89
C ASP A 47 -4.91 -9.52 -4.51
N VAL A 48 -3.72 -9.88 -4.06
CA VAL A 48 -3.57 -10.51 -2.77
C VAL A 48 -3.47 -9.43 -1.69
N PHE A 49 -3.90 -8.24 -2.04
CA PHE A 49 -3.87 -7.12 -1.11
C PHE A 49 -5.27 -6.78 -0.62
N GLU A 50 -5.33 -6.34 0.63
CA GLU A 50 -6.61 -5.98 1.23
C GLU A 50 -6.40 -4.87 2.27
N GLU A 51 -7.34 -4.81 3.21
CA GLU A 51 -7.27 -3.80 4.26
C GLU A 51 -7.69 -2.44 3.72
N LEU A 52 -7.26 -1.41 4.43
CA LEU A 52 -7.58 -0.05 4.03
C LEU A 52 -6.30 0.80 4.02
N ALA A 53 -6.45 2.03 3.56
CA ALA A 53 -5.31 2.94 3.49
C ALA A 53 -5.83 4.38 3.45
N SER A 54 -4.89 5.32 3.44
CA SER A 54 -5.23 6.72 3.40
C SER A 54 -5.98 7.13 4.67
N GLU A 55 -5.48 8.17 5.30
CA GLU A 55 -6.09 8.66 6.53
C GLU A 55 -7.32 9.53 6.20
N ALA A 56 -8.38 9.29 6.94
CA ALA A 56 -9.61 10.02 6.74
C ALA A 56 -10.43 10.02 8.04
N LYS A 57 -11.58 10.66 7.99
CA LYS A 57 -12.46 10.73 9.14
C LYS A 57 -11.62 10.98 10.40
N GLY A 1 -6.55 6.41 9.08
CA GLY A 1 -5.19 5.90 8.95
C GLY A 1 -5.16 4.37 8.99
N PRO A 2 -5.58 3.77 7.87
CA PRO A 2 -5.63 2.33 7.68
C PRO A 2 -4.36 1.85 7.03
N ARG A 3 -4.04 0.58 7.21
CA ARG A 3 -2.83 0.02 6.62
C ARG A 3 -3.11 -1.39 6.08
N MET A 4 -2.45 -1.70 4.98
CA MET A 4 -2.62 -2.99 4.34
C MET A 4 -1.46 -3.94 4.70
N GLN A 5 -1.65 -5.21 4.39
CA GLN A 5 -0.64 -6.21 4.67
C GLN A 5 -0.59 -7.25 3.55
N CYS A 6 0.52 -7.26 2.84
CA CYS A 6 0.70 -8.18 1.75
C CYS A 6 0.60 -9.61 2.30
N SER A 7 -0.24 -10.40 1.65
CA SER A 7 -0.45 -11.77 2.06
C SER A 7 0.53 -12.69 1.33
N VAL A 8 1.81 -12.41 1.51
CA VAL A 8 2.85 -13.20 0.88
C VAL A 8 4.11 -13.18 1.76
N CYS A 9 4.64 -11.98 1.95
CA CYS A 9 5.83 -11.81 2.77
C CYS A 9 5.46 -10.93 3.97
N GLN A 10 4.20 -10.57 4.04
CA GLN A 10 3.71 -9.72 5.12
C GLN A 10 4.46 -8.39 5.13
N TRP A 11 3.78 -7.35 4.69
CA TRP A 11 4.37 -6.04 4.64
C TRP A 11 3.26 -5.01 4.96
N ILE A 12 3.47 -4.29 6.04
CA ILE A 12 2.50 -3.29 6.46
C ILE A 12 2.73 -2.00 5.66
N TYR A 13 1.61 -1.41 5.22
CA TYR A 13 1.66 -0.18 4.45
C TYR A 13 1.04 0.95 5.25
N ASP A 14 1.89 1.77 5.88
CA ASP A 14 1.40 2.90 6.67
C ASP A 14 1.38 4.14 5.79
N PRO A 15 0.16 4.61 5.51
CA PRO A 15 -0.11 5.79 4.71
C PRO A 15 0.61 6.99 5.31
N ALA A 16 1.00 6.87 6.58
CA ALA A 16 1.68 7.96 7.26
C ALA A 16 3.17 7.91 6.91
N LYS A 17 3.54 6.91 6.13
CA LYS A 17 4.92 6.74 5.72
C LYS A 17 4.97 6.38 4.23
N GLY A 18 4.28 5.30 3.89
CA GLY A 18 4.25 4.85 2.51
C GLY A 18 5.64 4.90 1.87
N GLU A 19 5.65 4.82 0.55
CA GLU A 19 6.91 4.85 -0.19
C GLU A 19 6.89 5.99 -1.21
N PRO A 20 6.72 7.21 -0.70
CA PRO A 20 6.67 8.43 -1.48
C PRO A 20 7.78 8.39 -2.53
N MET A 21 8.81 7.60 -2.29
CA MET A 21 9.92 7.50 -3.23
C MET A 21 9.71 6.33 -4.20
N GLN A 22 8.44 5.98 -4.39
CA GLN A 22 8.10 4.89 -5.29
C GLN A 22 6.85 5.25 -6.10
N ASP A 23 6.55 6.53 -6.13
CA ASP A 23 5.38 7.02 -6.86
C ASP A 23 4.13 6.85 -5.98
N VAL A 24 4.36 6.82 -4.67
CA VAL A 24 3.28 6.66 -3.73
C VAL A 24 3.61 7.41 -2.43
N ALA A 25 3.08 8.62 -2.33
CA ALA A 25 3.32 9.45 -1.16
C ALA A 25 2.28 9.11 -0.09
N PRO A 26 2.65 9.40 1.16
CA PRO A 26 1.84 9.16 2.33
C PRO A 26 0.41 9.62 2.05
N GLY A 27 -0.52 9.21 2.91
CA GLY A 27 -1.91 9.59 2.73
C GLY A 27 -2.35 9.41 1.28
N THR A 28 -2.16 8.20 0.78
CA THR A 28 -2.54 7.89 -0.59
C THR A 28 -3.48 6.69 -0.62
N PRO A 29 -4.77 6.99 -0.78
CA PRO A 29 -5.83 6.01 -0.84
C PRO A 29 -5.41 4.84 -1.72
N TRP A 30 -5.51 3.64 -1.18
CA TRP A 30 -5.12 2.44 -1.94
C TRP A 30 -5.72 2.56 -3.34
N SER A 31 -6.84 3.26 -3.41
CA SER A 31 -7.52 3.46 -4.68
C SER A 31 -6.68 4.35 -5.59
N GLU A 32 -6.17 5.43 -5.01
CA GLU A 32 -5.35 6.37 -5.75
C GLU A 32 -4.06 5.70 -6.22
N VAL A 33 -3.58 4.78 -5.39
CA VAL A 33 -2.35 4.07 -5.71
C VAL A 33 -2.46 3.47 -7.10
N PRO A 34 -1.63 4.00 -8.01
CA PRO A 34 -1.56 3.58 -9.39
C PRO A 34 -1.39 2.07 -9.47
N ASP A 35 -2.25 1.41 -10.23
CA ASP A 35 -2.17 -0.03 -10.36
C ASP A 35 -0.80 -0.42 -10.93
N ASN A 36 -0.06 -1.19 -10.14
CA ASN A 36 1.26 -1.63 -10.56
C ASN A 36 2.13 -1.87 -9.32
N PHE A 37 2.19 -0.84 -8.48
CA PHE A 37 2.97 -0.92 -7.26
C PHE A 37 2.99 -2.35 -6.70
N LEU A 38 4.19 -2.85 -6.51
CA LEU A 38 4.35 -4.21 -5.98
C LEU A 38 5.09 -4.14 -4.64
N CYS A 39 4.72 -5.06 -3.77
CA CYS A 39 5.34 -5.12 -2.44
C CYS A 39 6.83 -5.36 -2.63
N PRO A 40 7.62 -4.43 -2.09
CA PRO A 40 9.07 -4.45 -2.14
C PRO A 40 9.60 -5.53 -1.20
N GLU A 41 9.56 -6.77 -1.64
CA GLU A 41 10.03 -7.88 -0.83
C GLU A 41 9.46 -9.20 -1.35
N CYS A 42 8.33 -9.10 -2.02
CA CYS A 42 7.68 -10.28 -2.58
C CYS A 42 7.02 -9.89 -3.90
N SER A 43 6.31 -8.76 -3.86
CA SER A 43 5.63 -8.27 -5.04
C SER A 43 4.25 -8.92 -5.16
N LEU A 44 3.25 -8.06 -5.35
CA LEU A 44 1.88 -8.54 -5.49
C LEU A 44 1.20 -7.81 -6.65
N GLY A 45 0.17 -8.45 -7.18
CA GLY A 45 -0.57 -7.88 -8.29
C GLY A 45 -1.56 -6.83 -7.80
N LYS A 46 -1.48 -6.52 -6.52
CA LYS A 46 -2.37 -5.54 -5.92
C LYS A 46 -3.77 -6.12 -5.82
N ASP A 47 -3.89 -7.38 -6.20
CA ASP A 47 -5.17 -8.07 -6.16
C ASP A 47 -5.35 -8.73 -4.80
N VAL A 48 -4.34 -9.49 -4.41
CA VAL A 48 -4.36 -10.18 -3.14
C VAL A 48 -4.46 -9.17 -2.01
N PHE A 49 -3.68 -8.10 -2.15
CA PHE A 49 -3.66 -7.05 -1.15
C PHE A 49 -5.05 -6.85 -0.54
N GLU A 50 -5.08 -6.65 0.76
CA GLU A 50 -6.33 -6.45 1.48
C GLU A 50 -6.23 -5.23 2.40
N GLU A 51 -7.31 -4.99 3.12
CA GLU A 51 -7.35 -3.85 4.03
C GLU A 51 -7.63 -2.56 3.27
N LEU A 52 -7.16 -1.47 3.84
CA LEU A 52 -7.34 -0.16 3.23
C LEU A 52 -6.12 0.72 3.52
N ALA A 53 -6.19 1.95 3.03
CA ALA A 53 -5.09 2.89 3.23
C ALA A 53 -5.67 4.30 3.35
N SER A 54 -4.76 5.26 3.42
CA SER A 54 -5.16 6.66 3.54
C SER A 54 -6.13 6.83 4.70
N GLU A 55 -7.41 6.82 4.37
CA GLU A 55 -8.45 6.96 5.38
C GLU A 55 -9.70 6.18 4.98
N ALA A 56 -10.55 5.95 5.96
CA ALA A 56 -11.79 5.22 5.73
C ALA A 56 -12.89 6.21 5.32
N LYS A 57 -14.06 5.66 5.06
CA LYS A 57 -15.20 6.48 4.66
C LYS A 57 -16.32 6.30 5.68
N GLY A 1 -4.14 6.21 10.47
CA GLY A 1 -4.68 5.80 9.19
C GLY A 1 -4.80 4.28 9.10
N PRO A 2 -5.38 3.83 7.98
CA PRO A 2 -5.59 2.43 7.68
C PRO A 2 -4.35 1.86 6.99
N ARG A 3 -3.93 0.67 7.38
CA ARG A 3 -2.77 0.05 6.77
C ARG A 3 -3.13 -1.34 6.24
N MET A 4 -2.52 -1.67 5.11
CA MET A 4 -2.75 -2.96 4.48
C MET A 4 -1.64 -3.95 4.81
N GLN A 5 -1.97 -5.23 4.71
CA GLN A 5 -1.02 -6.27 4.99
C GLN A 5 -1.05 -7.34 3.88
N CYS A 6 0.10 -7.50 3.24
CA CYS A 6 0.22 -8.46 2.16
C CYS A 6 0.28 -9.87 2.77
N SER A 7 -0.35 -10.81 2.09
CA SER A 7 -0.38 -12.18 2.55
C SER A 7 0.70 -13.00 1.83
N VAL A 8 1.94 -12.57 2.02
CA VAL A 8 3.05 -13.25 1.40
C VAL A 8 4.31 -13.02 2.24
N CYS A 9 4.68 -11.75 2.36
CA CYS A 9 5.86 -11.39 3.13
C CYS A 9 5.39 -10.73 4.44
N GLN A 10 4.20 -10.17 4.38
CA GLN A 10 3.64 -9.50 5.54
C GLN A 10 4.23 -8.10 5.71
N TRP A 11 4.03 -7.29 4.68
CA TRP A 11 4.55 -5.94 4.70
C TRP A 11 3.37 -4.99 4.93
N ILE A 12 3.38 -4.33 6.08
CA ILE A 12 2.33 -3.40 6.42
C ILE A 12 2.56 -2.07 5.70
N TYR A 13 1.53 -1.63 4.98
CA TYR A 13 1.60 -0.39 4.24
C TYR A 13 1.03 0.75 5.08
N ASP A 14 1.92 1.52 5.70
CA ASP A 14 1.49 2.64 6.53
C ASP A 14 1.43 3.90 5.68
N PRO A 15 0.21 4.40 5.49
CA PRO A 15 -0.07 5.60 4.72
C PRO A 15 0.77 6.76 5.25
N ALA A 16 1.18 6.66 6.51
CA ALA A 16 1.99 7.72 7.10
C ALA A 16 3.46 7.51 6.73
N LYS A 17 3.70 6.42 5.99
CA LYS A 17 5.05 6.09 5.57
C LYS A 17 5.02 5.62 4.12
N GLY A 18 4.57 4.38 3.94
CA GLY A 18 4.49 3.81 2.61
C GLY A 18 5.82 3.94 1.86
N GLU A 19 5.74 4.42 0.63
CA GLU A 19 6.92 4.60 -0.18
C GLU A 19 6.74 5.81 -1.12
N PRO A 20 6.93 7.00 -0.55
CA PRO A 20 6.81 8.26 -1.25
C PRO A 20 7.86 8.33 -2.35
N MET A 21 8.69 7.30 -2.45
CA MET A 21 9.73 7.27 -3.47
C MET A 21 9.44 6.18 -4.51
N GLN A 22 8.17 5.87 -4.66
CA GLN A 22 7.76 4.86 -5.62
C GLN A 22 6.48 5.28 -6.33
N ASP A 23 6.22 6.59 -6.29
CA ASP A 23 5.04 7.13 -6.93
C ASP A 23 3.84 6.97 -5.99
N VAL A 24 4.14 6.77 -4.73
CA VAL A 24 3.10 6.59 -3.72
C VAL A 24 3.48 7.37 -2.46
N ALA A 25 2.94 8.58 -2.37
CA ALA A 25 3.20 9.43 -1.23
C ALA A 25 2.34 8.99 -0.04
N PRO A 26 2.68 9.52 1.13
CA PRO A 26 2.00 9.24 2.37
C PRO A 26 0.59 9.80 2.33
N GLY A 27 -0.33 9.17 3.05
CA GLY A 27 -1.71 9.63 3.07
C GLY A 27 -2.36 9.51 1.69
N THR A 28 -2.23 8.32 1.11
CA THR A 28 -2.79 8.06 -0.20
C THR A 28 -3.79 6.91 -0.14
N PRO A 29 -4.90 7.08 -0.86
CA PRO A 29 -5.98 6.13 -0.95
C PRO A 29 -5.54 4.94 -1.80
N TRP A 30 -5.69 3.74 -1.26
CA TRP A 30 -5.29 2.54 -1.98
C TRP A 30 -6.04 2.54 -3.32
N SER A 31 -7.11 3.32 -3.37
CA SER A 31 -7.91 3.41 -4.58
C SER A 31 -7.17 4.24 -5.63
N GLU A 32 -6.79 5.44 -5.22
CA GLU A 32 -6.08 6.34 -6.11
C GLU A 32 -4.75 5.72 -6.55
N VAL A 33 -4.20 4.91 -5.66
CA VAL A 33 -2.94 4.25 -5.94
C VAL A 33 -2.91 3.82 -7.41
N PRO A 34 -1.82 4.21 -8.09
CA PRO A 34 -1.59 3.91 -9.49
C PRO A 34 -1.69 2.40 -9.71
N ASP A 35 -1.27 1.95 -10.88
CA ASP A 35 -1.32 0.52 -11.19
C ASP A 35 0.09 0.03 -11.51
N ASN A 36 1.05 0.56 -10.78
CA ASN A 36 2.45 0.19 -10.97
C ASN A 36 3.10 -0.03 -9.61
N PHE A 37 2.39 -0.71 -8.74
CA PHE A 37 2.89 -0.99 -7.40
C PHE A 37 2.82 -2.49 -7.09
N LEU A 38 3.93 -3.01 -6.61
CA LEU A 38 4.01 -4.43 -6.27
C LEU A 38 4.93 -4.61 -5.06
N CYS A 39 4.51 -5.48 -4.16
CA CYS A 39 5.29 -5.76 -2.97
C CYS A 39 6.77 -5.69 -3.33
N PRO A 40 7.46 -4.72 -2.73
CA PRO A 40 8.87 -4.48 -2.93
C PRO A 40 9.68 -5.48 -2.11
N GLU A 41 9.01 -6.46 -1.54
CA GLU A 41 9.69 -7.47 -0.74
C GLU A 41 9.11 -8.86 -1.04
N CYS A 42 8.25 -8.90 -2.04
CA CYS A 42 7.62 -10.16 -2.44
C CYS A 42 6.77 -9.90 -3.68
N SER A 43 7.26 -8.99 -4.51
CA SER A 43 6.54 -8.64 -5.73
C SER A 43 5.13 -9.23 -5.70
N LEU A 44 4.20 -8.43 -5.17
CA LEU A 44 2.82 -8.86 -5.08
C LEU A 44 1.93 -7.85 -5.80
N GLY A 45 1.12 -8.38 -6.72
CA GLY A 45 0.21 -7.53 -7.49
C GLY A 45 -0.76 -6.78 -6.57
N LYS A 46 -1.86 -6.34 -7.16
CA LYS A 46 -2.87 -5.63 -6.40
C LYS A 46 -4.16 -6.45 -6.37
N ASP A 47 -3.99 -7.75 -6.50
CA ASP A 47 -5.12 -8.67 -6.48
C ASP A 47 -5.03 -9.57 -5.26
N VAL A 48 -4.57 -8.99 -4.16
CA VAL A 48 -4.42 -9.73 -2.93
C VAL A 48 -4.50 -8.77 -1.74
N PHE A 49 -3.58 -7.82 -1.73
CA PHE A 49 -3.53 -6.83 -0.67
C PHE A 49 -4.94 -6.51 -0.16
N GLU A 50 -5.11 -6.66 1.14
CA GLU A 50 -6.39 -6.40 1.77
C GLU A 50 -6.30 -5.16 2.66
N GLU A 51 -7.44 -4.81 3.25
CA GLU A 51 -7.50 -3.65 4.12
C GLU A 51 -7.75 -2.38 3.31
N LEU A 52 -7.27 -1.27 3.84
CA LEU A 52 -7.44 0.02 3.18
C LEU A 52 -6.19 0.86 3.42
N ALA A 53 -6.28 2.12 3.00
CA ALA A 53 -5.17 3.04 3.16
C ALA A 53 -5.72 4.47 3.26
N SER A 54 -4.80 5.41 3.47
CA SER A 54 -5.16 6.81 3.59
C SER A 54 -5.92 7.04 4.89
N GLU A 55 -5.46 8.04 5.64
CA GLU A 55 -6.09 8.38 6.90
C GLU A 55 -7.61 8.37 6.77
N ALA A 56 -8.27 8.24 7.91
CA ALA A 56 -9.72 8.21 7.93
C ALA A 56 -10.23 9.04 9.12
N LYS A 57 -11.54 9.11 9.24
CA LYS A 57 -12.16 9.85 10.32
C LYS A 57 -13.48 9.19 10.70
N GLY A 1 -4.53 6.51 7.42
CA GLY A 1 -4.99 6.14 8.75
C GLY A 1 -4.84 4.64 8.99
N PRO A 2 -5.43 3.86 8.08
CA PRO A 2 -5.41 2.42 8.11
C PRO A 2 -4.18 1.91 7.36
N ARG A 3 -3.93 0.61 7.45
CA ARG A 3 -2.78 0.03 6.78
C ARG A 3 -3.13 -1.38 6.28
N MET A 4 -2.39 -1.79 5.25
CA MET A 4 -2.60 -3.11 4.67
C MET A 4 -1.53 -4.10 5.13
N GLN A 5 -1.56 -5.27 4.54
CA GLN A 5 -0.59 -6.31 4.87
C GLN A 5 -0.54 -7.38 3.77
N CYS A 6 0.51 -7.30 2.97
CA CYS A 6 0.70 -8.24 1.88
C CYS A 6 0.81 -9.65 2.48
N SER A 7 -0.11 -10.51 2.07
CA SER A 7 -0.12 -11.88 2.54
C SER A 7 0.90 -12.71 1.77
N VAL A 8 2.13 -12.21 1.76
CA VAL A 8 3.21 -12.90 1.06
C VAL A 8 4.55 -12.53 1.71
N CYS A 9 4.86 -11.24 1.63
CA CYS A 9 6.10 -10.74 2.20
C CYS A 9 5.83 -10.29 3.64
N GLN A 10 4.61 -9.80 3.86
CA GLN A 10 4.21 -9.34 5.17
C GLN A 10 4.74 -7.92 5.41
N TRP A 11 4.23 -6.99 4.62
CA TRP A 11 4.65 -5.60 4.74
C TRP A 11 3.42 -4.77 5.06
N ILE A 12 3.49 -4.06 6.19
CA ILE A 12 2.39 -3.23 6.63
C ILE A 12 2.48 -1.87 5.94
N TYR A 13 1.56 -1.65 4.98
CA TYR A 13 1.52 -0.41 4.23
C TYR A 13 0.83 0.66 5.06
N ASP A 14 1.63 1.49 5.72
CA ASP A 14 1.07 2.56 6.55
C ASP A 14 1.10 3.87 5.75
N PRO A 15 -0.10 4.34 5.39
CA PRO A 15 -0.31 5.55 4.64
C PRO A 15 0.41 6.70 5.32
N ALA A 16 0.76 6.53 6.59
CA ALA A 16 1.45 7.57 7.33
C ALA A 16 2.94 7.52 6.98
N LYS A 17 3.30 6.50 6.23
CA LYS A 17 4.69 6.33 5.82
C LYS A 17 4.73 5.87 4.35
N GLY A 18 4.27 4.65 4.14
CA GLY A 18 4.25 4.08 2.80
C GLY A 18 5.61 4.20 2.13
N GLU A 19 5.59 4.43 0.82
CA GLU A 19 6.82 4.56 0.06
C GLU A 19 6.79 5.85 -0.76
N PRO A 20 7.08 6.97 -0.09
CA PRO A 20 7.11 8.29 -0.67
C PRO A 20 8.32 8.40 -1.60
N MET A 21 8.96 7.29 -1.89
CA MET A 21 10.12 7.29 -2.76
C MET A 21 9.98 6.22 -3.85
N GLN A 22 8.75 5.81 -4.09
CA GLN A 22 8.48 4.80 -5.09
C GLN A 22 7.28 5.22 -5.96
N ASP A 23 6.91 6.49 -5.83
CA ASP A 23 5.79 7.03 -6.58
C ASP A 23 4.50 6.78 -5.81
N VAL A 24 4.64 6.75 -4.48
CA VAL A 24 3.48 6.54 -3.62
C VAL A 24 3.72 7.23 -2.29
N ALA A 25 3.22 8.45 -2.18
CA ALA A 25 3.38 9.24 -0.97
C ALA A 25 2.34 8.77 0.06
N PRO A 26 2.53 9.24 1.29
CA PRO A 26 1.68 8.93 2.43
C PRO A 26 0.25 9.32 2.11
N GLY A 27 -0.67 8.95 2.99
CA GLY A 27 -2.08 9.28 2.78
C GLY A 27 -2.44 9.22 1.29
N THR A 28 -2.24 8.04 0.71
CA THR A 28 -2.54 7.83 -0.70
C THR A 28 -3.57 6.71 -0.86
N PRO A 29 -4.77 7.10 -1.30
CA PRO A 29 -5.87 6.20 -1.53
C PRO A 29 -5.40 4.98 -2.30
N TRP A 30 -5.54 3.81 -1.69
CA TRP A 30 -5.11 2.57 -2.33
C TRP A 30 -5.66 2.58 -3.76
N SER A 31 -6.87 3.09 -3.89
CA SER A 31 -7.52 3.16 -5.20
C SER A 31 -6.79 4.14 -6.10
N GLU A 32 -6.30 5.21 -5.48
CA GLU A 32 -5.58 6.23 -6.22
C GLU A 32 -4.22 5.69 -6.70
N VAL A 33 -3.63 4.87 -5.85
CA VAL A 33 -2.33 4.29 -6.17
C VAL A 33 -2.37 3.72 -7.59
N PRO A 34 -1.32 4.04 -8.35
CA PRO A 34 -1.15 3.62 -9.72
C PRO A 34 -1.25 2.11 -9.81
N ASP A 35 -2.12 1.62 -10.67
CA ASP A 35 -2.30 0.18 -10.83
C ASP A 35 -1.03 -0.42 -11.44
N ASN A 36 -0.29 -1.13 -10.59
CA ASN A 36 0.95 -1.76 -11.03
C ASN A 36 1.86 -1.98 -9.82
N PHE A 37 2.09 -0.90 -9.09
CA PHE A 37 2.93 -0.96 -7.90
C PHE A 37 2.90 -2.36 -7.28
N LEU A 38 4.05 -2.78 -6.80
CA LEU A 38 4.18 -4.09 -6.18
C LEU A 38 5.05 -3.97 -4.93
N CYS A 39 4.63 -4.68 -3.89
CA CYS A 39 5.36 -4.67 -2.63
C CYS A 39 6.82 -5.03 -2.92
N PRO A 40 7.72 -4.22 -2.36
CA PRO A 40 9.15 -4.37 -2.50
C PRO A 40 9.64 -5.49 -1.58
N GLU A 41 9.46 -6.73 -2.02
CA GLU A 41 9.88 -7.86 -1.23
C GLU A 41 9.41 -9.17 -1.88
N CYS A 42 8.14 -9.17 -2.26
CA CYS A 42 7.56 -10.35 -2.90
C CYS A 42 6.85 -9.90 -4.17
N SER A 43 6.14 -8.78 -4.06
CA SER A 43 5.41 -8.24 -5.18
C SER A 43 3.99 -8.82 -5.22
N LEU A 44 3.03 -7.92 -5.42
CA LEU A 44 1.63 -8.32 -5.46
C LEU A 44 0.98 -7.70 -6.70
N GLY A 45 0.02 -8.43 -7.26
CA GLY A 45 -0.69 -7.96 -8.43
C GLY A 45 -1.81 -6.98 -8.04
N LYS A 46 -1.77 -6.55 -6.78
CA LYS A 46 -2.76 -5.62 -6.28
C LYS A 46 -4.12 -6.31 -6.22
N ASP A 47 -4.09 -7.60 -5.88
CA ASP A 47 -5.31 -8.37 -5.79
C ASP A 47 -5.24 -9.29 -4.57
N VAL A 48 -4.81 -8.71 -3.45
CA VAL A 48 -4.69 -9.46 -2.21
C VAL A 48 -4.68 -8.49 -1.04
N PHE A 49 -3.78 -7.51 -1.12
CA PHE A 49 -3.67 -6.51 -0.07
C PHE A 49 -4.98 -6.38 0.70
N GLU A 50 -4.87 -6.52 2.02
CA GLU A 50 -6.04 -6.41 2.88
C GLU A 50 -6.98 -5.31 2.37
N GLU A 51 -6.39 -4.16 2.08
CA GLU A 51 -7.15 -3.03 1.60
C GLU A 51 -7.61 -2.15 2.76
N LEU A 52 -6.68 -1.36 3.27
CA LEU A 52 -6.97 -0.48 4.38
C LEU A 52 -5.88 0.59 4.48
N ALA A 53 -6.11 1.70 3.80
CA ALA A 53 -5.16 2.80 3.81
C ALA A 53 -5.90 4.12 3.56
N SER A 54 -5.13 5.17 3.38
CA SER A 54 -5.69 6.49 3.14
C SER A 54 -6.93 6.70 4.01
N GLU A 55 -6.69 7.29 5.17
CA GLU A 55 -7.77 7.55 6.12
C GLU A 55 -8.99 8.09 5.38
N ALA A 56 -10.15 7.56 5.75
CA ALA A 56 -11.40 7.98 5.14
C ALA A 56 -11.86 9.28 5.77
N LYS A 57 -12.10 9.23 7.08
CA LYS A 57 -12.55 10.39 7.81
C LYS A 57 -13.76 11.00 7.10
N GLY A 1 -5.78 6.89 9.18
CA GLY A 1 -4.45 6.33 9.02
C GLY A 1 -4.45 4.82 9.22
N PRO A 2 -5.00 4.12 8.22
CA PRO A 2 -5.10 2.68 8.20
C PRO A 2 -3.90 2.09 7.49
N ARG A 3 -3.70 0.78 7.64
CA ARG A 3 -2.58 0.12 7.01
C ARG A 3 -3.03 -1.21 6.40
N MET A 4 -2.29 -1.64 5.38
CA MET A 4 -2.60 -2.88 4.70
C MET A 4 -1.40 -3.84 4.73
N GLN A 5 -1.70 -5.11 4.53
CA GLN A 5 -0.65 -6.12 4.52
C GLN A 5 -0.90 -7.13 3.39
N CYS A 6 0.20 -7.63 2.85
CA CYS A 6 0.12 -8.60 1.76
C CYS A 6 0.15 -10.00 2.37
N SER A 7 -0.52 -10.92 1.68
CA SER A 7 -0.58 -12.30 2.14
C SER A 7 0.54 -13.12 1.50
N VAL A 8 1.75 -12.64 1.68
CA VAL A 8 2.92 -13.31 1.13
C VAL A 8 4.15 -12.99 1.98
N CYS A 9 4.40 -11.70 2.14
CA CYS A 9 5.53 -11.25 2.92
C CYS A 9 5.01 -10.68 4.24
N GLN A 10 3.90 -9.96 4.14
CA GLN A 10 3.28 -9.36 5.31
C GLN A 10 3.91 -7.99 5.59
N TRP A 11 3.82 -7.12 4.60
CA TRP A 11 4.37 -5.78 4.72
C TRP A 11 3.22 -4.83 5.09
N ILE A 12 3.40 -4.15 6.20
CA ILE A 12 2.39 -3.21 6.67
C ILE A 12 2.61 -1.85 5.98
N TYR A 13 1.70 -1.54 5.05
CA TYR A 13 1.77 -0.29 4.31
C TYR A 13 1.12 0.81 5.12
N ASP A 14 1.93 1.65 5.75
CA ASP A 14 1.40 2.75 6.54
C ASP A 14 1.42 4.03 5.70
N PRO A 15 0.22 4.51 5.37
CA PRO A 15 -0.01 5.71 4.60
C PRO A 15 0.76 6.86 5.21
N ALA A 16 1.10 6.73 6.48
CA ALA A 16 1.84 7.78 7.16
C ALA A 16 3.30 7.77 6.70
N LYS A 17 3.64 6.72 5.97
CA LYS A 17 4.99 6.57 5.47
C LYS A 17 4.95 6.03 4.03
N GLY A 18 4.52 4.77 3.93
CA GLY A 18 4.42 4.13 2.63
C GLY A 18 5.75 4.22 1.86
N GLU A 19 5.66 4.82 0.69
CA GLU A 19 6.85 4.99 -0.15
C GLU A 19 6.76 6.29 -0.94
N PRO A 20 7.10 7.38 -0.26
CA PRO A 20 7.10 8.72 -0.81
C PRO A 20 8.13 8.82 -1.92
N MET A 21 8.79 7.72 -2.22
CA MET A 21 9.80 7.70 -3.26
C MET A 21 9.50 6.62 -4.29
N GLN A 22 8.22 6.29 -4.43
CA GLN A 22 7.79 5.27 -5.37
C GLN A 22 6.51 5.71 -6.07
N ASP A 23 6.35 7.03 -6.19
CA ASP A 23 5.18 7.59 -6.84
C ASP A 23 3.96 7.34 -5.96
N VAL A 24 4.22 7.12 -4.68
CA VAL A 24 3.15 6.88 -3.73
C VAL A 24 3.44 7.66 -2.43
N ALA A 25 2.94 8.88 -2.38
CA ALA A 25 3.13 9.73 -1.23
C ALA A 25 2.18 9.29 -0.11
N PRO A 26 2.60 9.54 1.12
CA PRO A 26 1.85 9.22 2.33
C PRO A 26 0.40 9.64 2.15
N GLY A 27 -0.49 9.00 2.90
CA GLY A 27 -1.90 9.33 2.81
C GLY A 27 -2.40 9.20 1.36
N THR A 28 -2.17 8.02 0.79
CA THR A 28 -2.59 7.76 -0.58
C THR A 28 -3.50 6.53 -0.63
N PRO A 29 -4.78 6.78 -0.90
CA PRO A 29 -5.81 5.77 -1.00
C PRO A 29 -5.28 4.58 -1.78
N TRP A 30 -5.49 3.38 -1.24
CA TRP A 30 -5.01 2.17 -1.90
C TRP A 30 -5.44 2.23 -3.36
N SER A 31 -6.65 2.74 -3.57
CA SER A 31 -7.19 2.85 -4.92
C SER A 31 -6.35 3.84 -5.73
N GLU A 32 -5.83 4.84 -5.04
CA GLU A 32 -5.02 5.85 -5.69
C GLU A 32 -3.66 5.27 -6.08
N VAL A 33 -3.34 4.14 -5.46
CA VAL A 33 -2.09 3.46 -5.74
C VAL A 33 -2.18 2.73 -7.08
N PRO A 34 -1.36 3.18 -8.02
CA PRO A 34 -1.28 2.63 -9.37
C PRO A 34 -0.95 1.15 -9.29
N ASP A 35 -1.56 0.35 -10.15
CA ASP A 35 -1.32 -1.08 -10.16
C ASP A 35 0.17 -1.33 -10.41
N ASN A 36 0.81 -0.36 -11.03
CA ASN A 36 2.23 -0.46 -11.33
C ASN A 36 2.99 -0.77 -10.05
N PHE A 37 2.39 -0.39 -8.92
CA PHE A 37 3.00 -0.62 -7.62
C PHE A 37 3.10 -2.12 -7.32
N LEU A 38 4.29 -2.52 -6.88
CA LEU A 38 4.52 -3.92 -6.56
C LEU A 38 5.30 -4.00 -5.24
N CYS A 39 4.72 -4.72 -4.29
CA CYS A 39 5.35 -4.89 -2.99
C CYS A 39 6.84 -5.13 -3.20
N PRO A 40 7.65 -4.36 -2.47
CA PRO A 40 9.09 -4.43 -2.51
C PRO A 40 9.57 -5.70 -1.83
N GLU A 41 8.63 -6.51 -1.34
CA GLU A 41 8.97 -7.75 -0.67
C GLU A 41 8.29 -8.92 -1.36
N CYS A 42 7.05 -8.69 -1.77
CA CYS A 42 6.28 -9.73 -2.44
C CYS A 42 5.45 -9.07 -3.56
N SER A 43 6.12 -8.18 -4.27
CA SER A 43 5.46 -7.48 -5.37
C SER A 43 3.94 -7.58 -5.22
N LEU A 44 3.39 -8.56 -5.91
CA LEU A 44 1.94 -8.77 -5.87
C LEU A 44 1.27 -7.91 -6.94
N GLY A 45 0.26 -8.50 -7.58
CA GLY A 45 -0.47 -7.80 -8.63
C GLY A 45 -1.61 -6.98 -8.03
N LYS A 46 -1.35 -6.42 -6.85
CA LYS A 46 -2.35 -5.61 -6.18
C LYS A 46 -3.73 -6.28 -6.33
N ASP A 47 -3.71 -7.59 -6.44
CA ASP A 47 -4.93 -8.35 -6.59
C ASP A 47 -5.04 -9.37 -5.45
N VAL A 48 -4.71 -8.91 -4.26
CA VAL A 48 -4.75 -9.78 -3.09
C VAL A 48 -4.78 -8.91 -1.82
N PHE A 49 -3.87 -7.95 -1.79
CA PHE A 49 -3.78 -7.05 -0.65
C PHE A 49 -5.14 -6.86 0.02
N GLU A 50 -5.10 -6.73 1.34
CA GLU A 50 -6.33 -6.55 2.10
C GLU A 50 -6.27 -5.24 2.88
N GLU A 51 -7.24 -5.08 3.77
CA GLU A 51 -7.32 -3.88 4.59
C GLU A 51 -7.55 -2.65 3.71
N LEU A 52 -7.12 -1.51 4.22
CA LEU A 52 -7.28 -0.25 3.49
C LEU A 52 -6.16 0.70 3.88
N ALA A 53 -6.06 1.79 3.13
CA ALA A 53 -5.04 2.79 3.39
C ALA A 53 -5.68 4.18 3.39
N SER A 54 -4.82 5.19 3.40
CA SER A 54 -5.27 6.56 3.40
C SER A 54 -6.11 6.83 4.65
N GLU A 55 -7.40 6.54 4.54
CA GLU A 55 -8.31 6.75 5.66
C GLU A 55 -9.54 5.84 5.51
N ALA A 56 -10.09 5.47 6.65
CA ALA A 56 -11.27 4.62 6.66
C ALA A 56 -12.53 5.48 6.57
N LYS A 57 -12.66 6.37 7.55
CA LYS A 57 -13.81 7.26 7.61
C LYS A 57 -13.45 8.50 8.41
N GLY A 1 -5.53 7.17 9.74
CA GLY A 1 -4.45 6.54 9.00
C GLY A 1 -4.47 5.02 9.16
N PRO A 2 -5.23 4.37 8.27
CA PRO A 2 -5.40 2.94 8.24
C PRO A 2 -4.13 2.28 7.69
N ARG A 3 -4.12 0.97 7.64
CA ARG A 3 -2.96 0.25 7.13
C ARG A 3 -3.40 -1.03 6.41
N MET A 4 -2.55 -1.47 5.49
CA MET A 4 -2.83 -2.68 4.73
C MET A 4 -1.75 -3.73 4.93
N GLN A 5 -2.12 -4.97 4.69
CA GLN A 5 -1.19 -6.08 4.85
C GLN A 5 -1.30 -7.04 3.65
N CYS A 6 -0.16 -7.30 3.05
CA CYS A 6 -0.11 -8.19 1.90
C CYS A 6 -0.16 -9.64 2.41
N SER A 7 -0.63 -10.53 1.55
CA SER A 7 -0.74 -11.93 1.89
C SER A 7 0.38 -12.73 1.21
N VAL A 8 1.60 -12.33 1.51
CA VAL A 8 2.76 -13.00 0.93
C VAL A 8 3.98 -12.77 1.83
N CYS A 9 4.28 -11.49 2.04
CA CYS A 9 5.41 -11.12 2.88
C CYS A 9 4.88 -10.55 4.19
N GLN A 10 3.68 -9.98 4.10
CA GLN A 10 3.04 -9.38 5.27
C GLN A 10 3.70 -8.04 5.59
N TRP A 11 4.05 -7.31 4.54
CA TRP A 11 4.67 -6.01 4.71
C TRP A 11 3.57 -4.97 4.90
N ILE A 12 3.43 -4.52 6.14
CA ILE A 12 2.42 -3.53 6.47
C ILE A 12 2.69 -2.25 5.70
N TYR A 13 1.79 -1.94 4.77
CA TYR A 13 1.90 -0.75 3.95
C TYR A 13 1.39 0.46 4.71
N ASP A 14 2.22 0.99 5.61
CA ASP A 14 1.84 2.15 6.39
C ASP A 14 1.59 3.33 5.46
N PRO A 15 0.30 3.66 5.28
CA PRO A 15 -0.16 4.74 4.44
C PRO A 15 0.33 6.06 5.00
N ALA A 16 0.86 6.04 6.22
CA ALA A 16 1.36 7.25 6.84
C ALA A 16 2.66 7.66 6.16
N LYS A 17 3.27 6.70 5.47
CA LYS A 17 4.51 6.96 4.77
C LYS A 17 4.49 6.25 3.41
N GLY A 18 4.23 4.95 3.46
CA GLY A 18 4.17 4.15 2.25
C GLY A 18 5.57 3.85 1.72
N GLU A 19 5.78 4.20 0.46
CA GLU A 19 7.06 3.98 -0.18
C GLU A 19 7.47 5.21 -1.00
N PRO A 20 7.74 6.30 -0.28
CA PRO A 20 8.14 7.57 -0.85
C PRO A 20 9.05 7.32 -2.05
N MET A 21 8.96 8.19 -3.04
CA MET A 21 9.79 8.06 -4.23
C MET A 21 9.43 6.78 -5.00
N GLN A 22 8.15 6.42 -4.92
CA GLN A 22 7.67 5.22 -5.60
C GLN A 22 6.32 5.50 -6.25
N ASP A 23 6.03 6.78 -6.44
CA ASP A 23 4.78 7.19 -7.05
C ASP A 23 3.64 6.93 -6.07
N VAL A 24 3.99 6.90 -4.80
CA VAL A 24 3.00 6.67 -3.75
C VAL A 24 3.43 7.39 -2.48
N ALA A 25 2.84 8.56 -2.28
CA ALA A 25 3.14 9.37 -1.11
C ALA A 25 2.21 8.97 0.03
N PRO A 26 2.56 9.44 1.23
CA PRO A 26 1.82 9.19 2.44
C PRO A 26 0.38 9.64 2.27
N GLY A 27 -0.51 9.09 3.07
CA GLY A 27 -1.93 9.45 2.98
C GLY A 27 -2.43 9.31 1.54
N THR A 28 -2.22 8.13 0.98
CA THR A 28 -2.66 7.87 -0.37
C THR A 28 -3.60 6.67 -0.41
N PRO A 29 -4.88 6.96 -0.70
CA PRO A 29 -5.94 5.99 -0.79
C PRO A 29 -5.48 4.80 -1.62
N TRP A 30 -5.75 3.60 -1.14
CA TRP A 30 -5.35 2.40 -1.85
C TRP A 30 -5.93 2.48 -3.27
N SER A 31 -7.07 3.14 -3.38
CA SER A 31 -7.72 3.29 -4.67
C SER A 31 -6.91 4.24 -5.55
N GLU A 32 -6.35 5.26 -4.93
CA GLU A 32 -5.54 6.23 -5.64
C GLU A 32 -4.22 5.61 -6.08
N VAL A 33 -3.80 4.59 -5.35
CA VAL A 33 -2.57 3.90 -5.66
C VAL A 33 -2.68 3.24 -7.04
N PRO A 34 -1.87 3.74 -7.96
CA PRO A 34 -1.81 3.27 -9.33
C PRO A 34 -1.67 1.76 -9.35
N ASP A 35 -1.55 1.18 -10.54
CA ASP A 35 -1.41 -0.26 -10.66
C ASP A 35 0.03 -0.59 -11.04
N ASN A 36 0.95 0.26 -10.59
CA ASN A 36 2.36 0.06 -10.87
C ASN A 36 3.12 -0.06 -9.55
N PHE A 37 2.47 -0.69 -8.57
CA PHE A 37 3.08 -0.87 -7.27
C PHE A 37 3.11 -2.35 -6.89
N LEU A 38 4.29 -2.79 -6.48
CA LEU A 38 4.46 -4.18 -6.08
C LEU A 38 5.28 -4.24 -4.78
N CYS A 39 4.98 -5.24 -3.98
CA CYS A 39 5.67 -5.42 -2.71
C CYS A 39 7.16 -5.12 -2.93
N PRO A 40 7.75 -4.47 -1.93
CA PRO A 40 9.15 -4.09 -1.93
C PRO A 40 10.00 -5.30 -1.58
N GLU A 41 9.37 -6.44 -1.37
CA GLU A 41 10.08 -7.65 -1.02
C GLU A 41 9.14 -8.86 -1.01
N CYS A 42 8.61 -9.16 -2.19
CA CYS A 42 7.70 -10.27 -2.33
C CYS A 42 6.95 -10.12 -3.66
N SER A 43 6.84 -8.87 -4.10
CA SER A 43 6.15 -8.57 -5.34
C SER A 43 4.70 -9.00 -5.25
N LEU A 44 3.90 -8.48 -6.17
CA LEU A 44 2.48 -8.80 -6.21
C LEU A 44 1.84 -8.08 -7.40
N GLY A 45 0.51 -8.03 -7.37
CA GLY A 45 -0.24 -7.39 -8.44
C GLY A 45 -1.47 -6.66 -7.88
N LYS A 46 -1.40 -6.36 -6.59
CA LYS A 46 -2.50 -5.67 -5.93
C LYS A 46 -3.72 -6.59 -5.88
N ASP A 47 -3.49 -7.85 -6.23
CA ASP A 47 -4.55 -8.84 -6.23
C ASP A 47 -4.50 -9.64 -4.92
N VAL A 48 -4.07 -8.96 -3.87
CA VAL A 48 -3.96 -9.59 -2.57
C VAL A 48 -4.14 -8.54 -1.48
N PHE A 49 -3.23 -7.57 -1.48
CA PHE A 49 -3.27 -6.50 -0.50
C PHE A 49 -4.72 -6.18 -0.11
N GLU A 50 -5.02 -6.42 1.16
CA GLU A 50 -6.36 -6.16 1.66
C GLU A 50 -6.32 -5.01 2.66
N GLU A 51 -7.48 -4.73 3.24
CA GLU A 51 -7.60 -3.66 4.21
C GLU A 51 -7.85 -2.32 3.50
N LEU A 52 -7.47 -1.25 4.17
CA LEU A 52 -7.63 0.08 3.63
C LEU A 52 -6.39 0.92 3.93
N ALA A 53 -6.46 2.19 3.55
CA ALA A 53 -5.36 3.11 3.79
C ALA A 53 -5.88 4.54 3.77
N SER A 54 -4.94 5.48 3.67
CA SER A 54 -5.29 6.88 3.64
C SER A 54 -6.42 7.17 4.64
N GLU A 55 -7.64 7.25 4.11
CA GLU A 55 -8.81 7.51 4.93
C GLU A 55 -8.44 8.47 6.06
N ALA A 56 -8.41 9.75 5.72
CA ALA A 56 -8.09 10.78 6.70
C ALA A 56 -8.79 12.08 6.33
N LYS A 57 -8.64 13.07 7.19
CA LYS A 57 -9.26 14.36 6.96
C LYS A 57 -10.78 14.20 6.84
N GLY A 1 -3.87 7.11 9.86
CA GLY A 1 -4.92 6.56 9.02
C GLY A 1 -4.95 5.03 9.11
N PRO A 2 -5.55 4.42 8.08
CA PRO A 2 -5.69 2.99 7.96
C PRO A 2 -4.42 2.40 7.35
N ARG A 3 -4.20 1.11 7.55
CA ARG A 3 -3.01 0.46 7.02
C ARG A 3 -3.38 -0.88 6.39
N MET A 4 -2.52 -1.35 5.49
CA MET A 4 -2.75 -2.61 4.82
C MET A 4 -1.57 -3.56 5.03
N GLN A 5 -1.67 -4.72 4.41
CA GLN A 5 -0.63 -5.73 4.52
C GLN A 5 -0.80 -6.80 3.45
N CYS A 6 0.32 -7.34 3.00
CA CYS A 6 0.31 -8.36 1.97
C CYS A 6 0.51 -9.72 2.65
N SER A 7 -0.43 -10.62 2.40
CA SER A 7 -0.37 -11.95 2.97
C SER A 7 0.58 -12.84 2.15
N VAL A 8 1.78 -12.32 1.94
CA VAL A 8 2.78 -13.05 1.18
C VAL A 8 4.14 -12.91 1.85
N CYS A 9 4.56 -11.66 2.00
CA CYS A 9 5.84 -11.38 2.63
C CYS A 9 5.58 -10.84 4.04
N GLN A 10 4.43 -10.20 4.19
CA GLN A 10 4.04 -9.64 5.48
C GLN A 10 4.60 -8.23 5.62
N TRP A 11 4.16 -7.35 4.73
CA TRP A 11 4.61 -5.97 4.75
C TRP A 11 3.37 -5.08 4.97
N ILE A 12 3.42 -4.34 6.07
CA ILE A 12 2.32 -3.45 6.42
C ILE A 12 2.53 -2.11 5.72
N TYR A 13 1.50 -1.69 4.97
CA TYR A 13 1.54 -0.44 4.24
C TYR A 13 0.90 0.66 5.08
N ASP A 14 1.72 1.48 5.72
CA ASP A 14 1.21 2.57 6.54
C ASP A 14 1.31 3.88 5.77
N PRO A 15 0.15 4.39 5.36
CA PRO A 15 0.00 5.63 4.62
C PRO A 15 0.73 6.75 5.35
N ALA A 16 1.01 6.53 6.63
CA ALA A 16 1.70 7.54 7.42
C ALA A 16 3.11 7.73 6.88
N LYS A 17 3.61 6.68 6.25
CA LYS A 17 4.95 6.71 5.68
C LYS A 17 4.90 6.26 4.23
N GLY A 18 4.41 5.04 4.04
CA GLY A 18 4.29 4.48 2.71
C GLY A 18 5.66 4.43 2.01
N GLU A 19 5.61 4.54 0.69
CA GLU A 19 6.83 4.51 -0.10
C GLU A 19 6.86 5.71 -1.06
N PRO A 20 6.78 6.90 -0.49
CA PRO A 20 6.79 8.16 -1.21
C PRO A 20 7.89 8.14 -2.27
N MET A 21 8.88 7.27 -2.06
CA MET A 21 9.99 7.18 -3.00
C MET A 21 9.70 6.11 -4.07
N GLN A 22 8.42 5.88 -4.31
CA GLN A 22 8.00 4.90 -5.29
C GLN A 22 6.79 5.40 -6.06
N ASP A 23 6.59 6.71 -6.00
CA ASP A 23 5.46 7.33 -6.69
C ASP A 23 4.20 7.17 -5.85
N VAL A 24 4.40 6.93 -4.57
CA VAL A 24 3.29 6.74 -3.65
C VAL A 24 3.62 7.42 -2.31
N ALA A 25 3.13 8.64 -2.17
CA ALA A 25 3.36 9.40 -0.96
C ALA A 25 2.38 8.93 0.13
N PRO A 26 2.66 9.36 1.36
CA PRO A 26 1.88 9.04 2.53
C PRO A 26 0.47 9.60 2.37
N GLY A 27 -0.51 8.89 2.91
CA GLY A 27 -1.89 9.33 2.82
C GLY A 27 -2.39 9.24 1.38
N THR A 28 -2.18 8.07 0.78
CA THR A 28 -2.60 7.84 -0.59
C THR A 28 -3.56 6.64 -0.66
N PRO A 29 -4.82 6.95 -0.93
CA PRO A 29 -5.89 5.98 -1.04
C PRO A 29 -5.39 4.76 -1.82
N TRP A 30 -5.54 3.59 -1.22
CA TRP A 30 -5.10 2.36 -1.87
C TRP A 30 -5.63 2.38 -3.30
N SER A 31 -6.82 2.94 -3.46
CA SER A 31 -7.44 3.02 -4.77
C SER A 31 -6.60 3.89 -5.70
N GLU A 32 -6.06 4.96 -5.13
CA GLU A 32 -5.24 5.88 -5.90
C GLU A 32 -3.91 5.21 -6.28
N VAL A 33 -3.49 4.28 -5.43
CA VAL A 33 -2.25 3.56 -5.67
C VAL A 33 -2.34 2.81 -7.00
N PRO A 34 -1.54 3.27 -7.96
CA PRO A 34 -1.46 2.71 -9.29
C PRO A 34 -1.12 1.22 -9.20
N ASP A 35 -1.82 0.41 -9.98
CA ASP A 35 -1.58 -1.02 -9.97
C ASP A 35 -0.10 -1.28 -10.26
N ASN A 36 0.52 -0.32 -10.91
CA ASN A 36 1.93 -0.44 -11.25
C ASN A 36 2.73 -0.75 -9.99
N PHE A 37 2.17 -0.34 -8.86
CA PHE A 37 2.83 -0.57 -7.58
C PHE A 37 2.93 -2.07 -7.27
N LEU A 38 4.12 -2.48 -6.85
CA LEU A 38 4.36 -3.87 -6.52
C LEU A 38 5.18 -3.94 -5.22
N CYS A 39 4.71 -4.79 -4.32
CA CYS A 39 5.40 -4.97 -3.05
C CYS A 39 6.90 -5.11 -3.31
N PRO A 40 7.68 -4.31 -2.59
CA PRO A 40 9.11 -4.27 -2.67
C PRO A 40 9.69 -5.56 -2.11
N GLU A 41 8.83 -6.44 -1.63
CA GLU A 41 9.28 -7.70 -1.07
C GLU A 41 8.58 -8.87 -1.76
N CYS A 42 7.30 -8.67 -2.06
CA CYS A 42 6.52 -9.68 -2.72
C CYS A 42 5.70 -9.03 -3.83
N SER A 43 6.35 -8.11 -4.54
CA SER A 43 5.69 -7.41 -5.62
C SER A 43 4.18 -7.62 -5.55
N LEU A 44 3.72 -8.65 -6.26
CA LEU A 44 2.31 -8.96 -6.28
C LEU A 44 1.64 -8.22 -7.43
N GLY A 45 0.35 -8.48 -7.60
CA GLY A 45 -0.41 -7.82 -8.65
C GLY A 45 -1.65 -7.14 -8.08
N LYS A 46 -1.48 -6.51 -6.94
CA LYS A 46 -2.57 -5.82 -6.28
C LYS A 46 -3.85 -6.65 -6.41
N ASP A 47 -3.65 -7.96 -6.48
CA ASP A 47 -4.78 -8.88 -6.61
C ASP A 47 -4.87 -9.74 -5.35
N VAL A 48 -4.42 -9.18 -4.25
CA VAL A 48 -4.45 -9.90 -2.98
C VAL A 48 -4.55 -8.88 -1.84
N PHE A 49 -3.62 -7.94 -1.83
CA PHE A 49 -3.59 -6.92 -0.80
C PHE A 49 -4.99 -6.69 -0.23
N GLU A 50 -5.05 -6.54 1.09
CA GLU A 50 -6.31 -6.32 1.77
C GLU A 50 -6.23 -5.06 2.63
N GLU A 51 -7.28 -4.84 3.41
CA GLU A 51 -7.34 -3.68 4.28
C GLU A 51 -7.53 -2.41 3.46
N LEU A 52 -7.24 -1.28 4.09
CA LEU A 52 -7.38 0.01 3.43
C LEU A 52 -6.21 0.90 3.83
N ALA A 53 -6.26 2.14 3.36
CA ALA A 53 -5.22 3.11 3.65
C ALA A 53 -5.80 4.52 3.56
N SER A 54 -4.89 5.49 3.48
CA SER A 54 -5.31 6.88 3.38
C SER A 54 -6.10 7.28 4.63
N GLU A 55 -5.68 8.39 5.22
CA GLU A 55 -6.34 8.89 6.42
C GLU A 55 -7.85 9.00 6.19
N ALA A 56 -8.20 9.20 4.92
CA ALA A 56 -9.60 9.33 4.56
C ALA A 56 -9.76 9.08 3.06
N LYS A 57 -9.11 9.94 2.28
CA LYS A 57 -9.16 9.83 0.83
C LYS A 57 -7.88 10.41 0.24
N GLY A 1 -3.83 6.90 8.33
CA GLY A 1 -4.80 6.48 9.33
C GLY A 1 -4.85 4.95 9.45
N PRO A 2 -5.32 4.31 8.38
CA PRO A 2 -5.45 2.88 8.27
C PRO A 2 -4.19 2.30 7.64
N ARG A 3 -4.02 0.99 7.75
CA ARG A 3 -2.85 0.34 7.19
C ARG A 3 -3.26 -0.96 6.49
N MET A 4 -2.38 -1.43 5.61
CA MET A 4 -2.63 -2.66 4.88
C MET A 4 -1.46 -3.64 5.03
N GLN A 5 -1.61 -4.78 4.39
CA GLN A 5 -0.59 -5.81 4.45
C GLN A 5 -0.87 -6.91 3.42
N CYS A 6 0.19 -7.44 2.84
CA CYS A 6 0.06 -8.49 1.86
C CYS A 6 -0.07 -9.83 2.60
N SER A 7 -0.60 -10.81 1.88
CA SER A 7 -0.79 -12.13 2.45
C SER A 7 0.30 -13.08 1.96
N VAL A 8 1.44 -12.50 1.60
CA VAL A 8 2.56 -13.27 1.12
C VAL A 8 3.77 -13.02 2.01
N CYS A 9 4.08 -11.74 2.19
CA CYS A 9 5.22 -11.35 3.01
C CYS A 9 4.68 -10.74 4.31
N GLN A 10 3.59 -10.00 4.17
CA GLN A 10 2.97 -9.37 5.32
C GLN A 10 3.67 -8.04 5.64
N TRP A 11 3.76 -7.19 4.63
CA TRP A 11 4.39 -5.90 4.78
C TRP A 11 3.31 -4.88 5.13
N ILE A 12 3.42 -4.33 6.33
CA ILE A 12 2.45 -3.35 6.79
C ILE A 12 2.70 -2.02 6.07
N TYR A 13 1.73 -1.64 5.25
CA TYR A 13 1.81 -0.40 4.49
C TYR A 13 1.20 0.74 5.29
N ASP A 14 2.03 1.59 5.85
CA ASP A 14 1.54 2.71 6.64
C ASP A 14 1.56 3.98 5.78
N PRO A 15 0.36 4.45 5.45
CA PRO A 15 0.15 5.63 4.65
C PRO A 15 0.92 6.80 5.23
N ALA A 16 1.31 6.68 6.49
CA ALA A 16 2.06 7.73 7.14
C ALA A 16 3.54 7.64 6.74
N LYS A 17 3.86 6.56 6.04
CA LYS A 17 5.21 6.34 5.59
C LYS A 17 5.20 5.81 4.15
N GLY A 18 4.65 4.61 4.00
CA GLY A 18 4.57 3.99 2.69
C GLY A 18 5.87 4.15 1.92
N GLU A 19 5.75 4.72 0.72
CA GLU A 19 6.91 4.93 -0.12
C GLU A 19 6.72 6.19 -0.97
N PRO A 20 7.05 7.34 -0.37
CA PRO A 20 6.95 8.64 -0.99
C PRO A 20 7.97 8.76 -2.11
N MET A 21 8.65 7.66 -2.41
CA MET A 21 9.64 7.66 -3.47
C MET A 21 9.44 6.47 -4.41
N GLN A 22 8.18 6.05 -4.53
CA GLN A 22 7.85 4.94 -5.39
C GLN A 22 6.58 5.25 -6.19
N ASP A 23 6.24 6.53 -6.21
CA ASP A 23 5.06 6.98 -6.94
C ASP A 23 3.83 6.81 -6.05
N VAL A 24 4.08 6.68 -4.75
CA VAL A 24 3.01 6.52 -3.79
C VAL A 24 3.33 7.33 -2.54
N ALA A 25 2.80 8.54 -2.51
CA ALA A 25 3.01 9.44 -1.38
C ALA A 25 2.12 9.00 -0.21
N PRO A 26 2.44 9.53 0.98
CA PRO A 26 1.73 9.26 2.20
C PRO A 26 0.24 9.53 2.01
N GLY A 27 -0.57 9.09 2.95
CA GLY A 27 -2.01 9.31 2.86
C GLY A 27 -2.49 9.14 1.41
N THR A 28 -2.20 7.98 0.85
CA THR A 28 -2.59 7.69 -0.52
C THR A 28 -3.49 6.45 -0.56
N PRO A 29 -4.79 6.71 -0.69
CA PRO A 29 -5.82 5.69 -0.77
C PRO A 29 -5.36 4.56 -1.67
N TRP A 30 -5.45 3.33 -1.17
CA TRP A 30 -5.03 2.17 -1.95
C TRP A 30 -5.75 2.23 -3.29
N SER A 31 -6.89 2.92 -3.30
CA SER A 31 -7.68 3.04 -4.51
C SER A 31 -6.97 3.98 -5.49
N GLU A 32 -6.51 5.10 -4.97
CA GLU A 32 -5.82 6.09 -5.78
C GLU A 32 -4.50 5.51 -6.29
N VAL A 33 -3.91 4.65 -5.48
CA VAL A 33 -2.65 4.03 -5.84
C VAL A 33 -2.73 3.48 -7.26
N PRO A 34 -1.84 3.97 -8.11
CA PRO A 34 -1.74 3.60 -9.52
C PRO A 34 -1.60 2.09 -9.63
N ASP A 35 -1.80 1.56 -10.82
CA ASP A 35 -1.69 0.13 -11.04
C ASP A 35 -0.28 -0.19 -11.53
N ASN A 36 0.45 -0.91 -10.70
CA ASN A 36 1.82 -1.29 -11.03
C ASN A 36 2.60 -1.59 -9.75
N PHE A 37 2.63 -0.60 -8.88
CA PHE A 37 3.33 -0.73 -7.62
C PHE A 37 3.37 -2.19 -7.17
N LEU A 38 4.57 -2.70 -6.98
CA LEU A 38 4.75 -4.08 -6.55
C LEU A 38 5.45 -4.10 -5.19
N CYS A 39 4.88 -4.86 -4.27
CA CYS A 39 5.43 -4.97 -2.93
C CYS A 39 6.94 -5.23 -3.07
N PRO A 40 7.72 -4.43 -2.32
CA PRO A 40 9.16 -4.49 -2.27
C PRO A 40 9.60 -5.78 -1.58
N GLU A 41 8.64 -6.59 -1.17
CA GLU A 41 8.94 -7.84 -0.49
C GLU A 41 8.27 -9.01 -1.20
N CYS A 42 7.05 -8.77 -1.65
CA CYS A 42 6.29 -9.80 -2.34
C CYS A 42 5.53 -9.14 -3.50
N SER A 43 6.24 -8.28 -4.21
CA SER A 43 5.65 -7.57 -5.33
C SER A 43 4.12 -7.65 -5.26
N LEU A 44 3.58 -8.70 -5.86
CA LEU A 44 2.15 -8.91 -5.87
C LEU A 44 1.49 -7.93 -6.84
N GLY A 45 0.79 -8.48 -7.82
CA GLY A 45 0.11 -7.67 -8.81
C GLY A 45 -1.14 -7.01 -8.22
N LYS A 46 -0.94 -6.33 -7.11
CA LYS A 46 -2.05 -5.65 -6.45
C LYS A 46 -3.31 -6.50 -6.58
N ASP A 47 -3.12 -7.81 -6.59
CA ASP A 47 -4.23 -8.74 -6.71
C ASP A 47 -4.22 -9.71 -5.52
N VAL A 48 -3.62 -9.25 -4.44
CA VAL A 48 -3.52 -10.07 -3.23
C VAL A 48 -3.31 -9.16 -2.02
N PHE A 49 -3.92 -7.98 -2.08
CA PHE A 49 -3.79 -7.03 -1.01
C PHE A 49 -5.13 -6.80 -0.31
N GLU A 50 -5.07 -6.67 1.01
CA GLU A 50 -6.27 -6.44 1.80
C GLU A 50 -6.18 -5.12 2.55
N GLU A 51 -7.00 -5.01 3.59
CA GLU A 51 -7.02 -3.80 4.40
C GLU A 51 -7.13 -2.56 3.50
N LEU A 52 -6.94 -1.40 4.12
CA LEU A 52 -7.00 -0.15 3.39
C LEU A 52 -5.93 0.81 3.90
N ALA A 53 -5.88 1.99 3.31
CA ALA A 53 -4.91 2.98 3.71
C ALA A 53 -5.56 4.37 3.64
N SER A 54 -4.70 5.39 3.65
CA SER A 54 -5.17 6.76 3.58
C SER A 54 -5.95 7.10 4.86
N GLU A 55 -5.59 8.23 5.46
CA GLU A 55 -6.24 8.68 6.67
C GLU A 55 -7.74 8.83 6.44
N ALA A 56 -8.51 8.56 7.49
CA ALA A 56 -9.95 8.66 7.42
C ALA A 56 -10.49 9.29 8.70
N LYS A 57 -10.09 8.70 9.82
CA LYS A 57 -10.51 9.19 11.13
C LYS A 57 -9.34 9.89 11.81
N GLY A 1 -6.28 6.86 9.62
CA GLY A 1 -4.95 6.34 9.35
C GLY A 1 -4.92 4.82 9.50
N PRO A 2 -5.36 4.14 8.44
CA PRO A 2 -5.42 2.70 8.35
C PRO A 2 -4.14 2.18 7.72
N ARG A 3 -3.91 0.87 7.84
CA ARG A 3 -2.71 0.27 7.27
C ARG A 3 -3.08 -0.91 6.37
N MET A 4 -2.13 -1.30 5.54
CA MET A 4 -2.34 -2.42 4.64
C MET A 4 -1.16 -3.40 4.67
N GLN A 5 -1.49 -4.67 4.70
CA GLN A 5 -0.47 -5.71 4.73
C GLN A 5 -0.62 -6.64 3.52
N CYS A 6 0.49 -7.25 3.15
CA CYS A 6 0.50 -8.17 2.02
C CYS A 6 0.56 -9.60 2.56
N SER A 7 -0.37 -10.41 2.09
CA SER A 7 -0.43 -11.80 2.52
C SER A 7 0.56 -12.64 1.70
N VAL A 8 1.81 -12.20 1.70
CA VAL A 8 2.85 -12.89 0.97
C VAL A 8 4.21 -12.58 1.61
N CYS A 9 4.57 -11.31 1.56
CA CYS A 9 5.84 -10.87 2.12
C CYS A 9 5.59 -10.44 3.57
N GLN A 10 4.43 -9.84 3.78
CA GLN A 10 4.06 -9.37 5.11
C GLN A 10 4.67 -8.00 5.38
N TRP A 11 4.35 -7.06 4.51
CA TRP A 11 4.86 -5.70 4.65
C TRP A 11 3.72 -4.80 5.12
N ILE A 12 4.00 -4.05 6.16
CA ILE A 12 3.00 -3.14 6.72
C ILE A 12 3.04 -1.81 5.96
N TYR A 13 1.95 -1.54 5.24
CA TYR A 13 1.83 -0.32 4.46
C TYR A 13 1.12 0.74 5.27
N ASP A 14 1.89 1.64 5.89
CA ASP A 14 1.31 2.70 6.70
C ASP A 14 1.29 3.99 5.88
N PRO A 15 0.08 4.39 5.49
CA PRO A 15 -0.17 5.59 4.72
C PRO A 15 0.53 6.78 5.36
N ALA A 16 0.83 6.66 6.65
CA ALA A 16 1.50 7.73 7.37
C ALA A 16 2.98 7.73 7.01
N LYS A 17 3.39 6.70 6.30
CA LYS A 17 4.78 6.56 5.88
C LYS A 17 4.83 6.06 4.44
N GLY A 18 4.38 4.83 4.25
CA GLY A 18 4.37 4.23 2.93
C GLY A 18 5.73 4.40 2.24
N GLU A 19 5.68 4.53 0.92
CA GLU A 19 6.89 4.69 0.14
C GLU A 19 6.83 6.00 -0.66
N PRO A 20 7.14 7.09 0.02
CA PRO A 20 7.15 8.43 -0.54
C PRO A 20 8.21 8.51 -1.63
N MET A 21 8.88 7.40 -1.89
CA MET A 21 9.90 7.37 -2.92
C MET A 21 9.68 6.21 -3.88
N GLN A 22 8.41 5.92 -4.12
CA GLN A 22 8.05 4.84 -5.02
C GLN A 22 6.82 5.22 -5.85
N ASP A 23 6.59 6.51 -5.94
CA ASP A 23 5.46 7.02 -6.69
C ASP A 23 4.19 6.84 -5.87
N VAL A 24 4.37 6.65 -4.57
CA VAL A 24 3.24 6.45 -3.67
C VAL A 24 3.52 7.17 -2.36
N ALA A 25 2.95 8.36 -2.23
CA ALA A 25 3.13 9.16 -1.03
C ALA A 25 2.13 8.71 0.04
N PRO A 26 2.39 9.14 1.27
CA PRO A 26 1.57 8.83 2.43
C PRO A 26 0.13 9.22 2.16
N GLY A 27 -0.77 8.82 3.04
CA GLY A 27 -2.18 9.15 2.88
C GLY A 27 -2.59 9.09 1.40
N THR A 28 -2.40 7.91 0.82
CA THR A 28 -2.74 7.70 -0.57
C THR A 28 -3.68 6.50 -0.71
N PRO A 29 -4.93 6.81 -1.07
CA PRO A 29 -5.99 5.86 -1.27
C PRO A 29 -5.48 4.71 -2.15
N TRP A 30 -5.49 3.50 -1.60
CA TRP A 30 -5.01 2.35 -2.34
C TRP A 30 -5.63 2.42 -3.75
N SER A 31 -6.81 3.00 -3.81
CA SER A 31 -7.51 3.13 -5.08
C SER A 31 -6.74 4.09 -6.01
N GLU A 32 -6.30 5.20 -5.43
CA GLU A 32 -5.56 6.19 -6.18
C GLU A 32 -4.23 5.60 -6.67
N VAL A 33 -3.66 4.74 -5.84
CA VAL A 33 -2.39 4.11 -6.17
C VAL A 33 -2.48 3.53 -7.58
N PRO A 34 -1.51 3.91 -8.41
CA PRO A 34 -1.39 3.48 -9.79
C PRO A 34 -1.36 1.96 -9.85
N ASP A 35 -1.94 1.40 -10.90
CA ASP A 35 -1.97 -0.05 -11.04
C ASP A 35 -0.62 -0.52 -11.59
N ASN A 36 0.11 -1.21 -10.73
CA ASN A 36 1.42 -1.73 -11.11
C ASN A 36 2.26 -1.96 -9.85
N PHE A 37 2.40 -0.89 -9.07
CA PHE A 37 3.17 -0.97 -7.84
C PHE A 37 3.12 -2.38 -7.25
N LEU A 38 4.24 -2.79 -6.68
CA LEU A 38 4.34 -4.10 -6.07
C LEU A 38 5.15 -4.01 -4.78
N CYS A 39 4.75 -4.83 -3.80
CA CYS A 39 5.42 -4.83 -2.52
C CYS A 39 6.87 -5.28 -2.74
N PRO A 40 7.79 -4.51 -2.15
CA PRO A 40 9.22 -4.73 -2.22
C PRO A 40 9.59 -5.92 -1.34
N GLU A 41 9.52 -7.12 -1.88
CA GLU A 41 9.85 -8.31 -1.12
C GLU A 41 9.28 -9.56 -1.81
N CYS A 42 8.01 -9.45 -2.19
CA CYS A 42 7.33 -10.55 -2.86
C CYS A 42 6.68 -10.02 -4.13
N SER A 43 6.02 -8.87 -3.99
CA SER A 43 5.36 -8.25 -5.11
C SER A 43 4.04 -8.97 -5.40
N LEU A 44 3.07 -8.20 -5.88
CA LEU A 44 1.76 -8.75 -6.20
C LEU A 44 1.15 -7.96 -7.35
N GLY A 45 0.12 -8.55 -7.95
CA GLY A 45 -0.56 -7.91 -9.06
C GLY A 45 -1.64 -6.94 -8.56
N LYS A 46 -1.57 -6.64 -7.27
CA LYS A 46 -2.52 -5.73 -6.65
C LYS A 46 -3.90 -6.38 -6.66
N ASP A 47 -3.92 -7.65 -6.27
CA ASP A 47 -5.16 -8.39 -6.22
C ASP A 47 -5.13 -9.36 -5.02
N VAL A 48 -4.66 -8.84 -3.90
CA VAL A 48 -4.57 -9.63 -2.68
C VAL A 48 -4.54 -8.71 -1.47
N PHE A 49 -3.64 -7.75 -1.52
CA PHE A 49 -3.50 -6.79 -0.44
C PHE A 49 -4.82 -6.60 0.30
N GLU A 50 -4.71 -6.38 1.60
CA GLU A 50 -5.88 -6.19 2.43
C GLU A 50 -6.70 -5.00 1.93
N GLU A 51 -6.98 -4.08 2.84
CA GLU A 51 -7.75 -2.89 2.50
C GLU A 51 -7.90 -1.99 3.73
N LEU A 52 -6.95 -1.11 3.90
CA LEU A 52 -6.96 -0.19 5.03
C LEU A 52 -5.89 0.88 4.83
N ALA A 53 -6.20 1.84 3.97
CA ALA A 53 -5.28 2.92 3.69
C ALA A 53 -6.06 4.20 3.40
N SER A 54 -5.35 5.32 3.47
CA SER A 54 -5.97 6.62 3.23
C SER A 54 -7.37 6.65 3.84
N GLU A 55 -7.45 7.17 5.04
CA GLU A 55 -8.73 7.26 5.74
C GLU A 55 -8.63 8.27 6.89
N ALA A 56 -9.77 8.52 7.52
CA ALA A 56 -9.82 9.45 8.63
C ALA A 56 -11.20 9.37 9.28
N LYS A 57 -11.58 8.15 9.64
CA LYS A 57 -12.87 7.92 10.29
C LYS A 57 -12.64 7.41 11.70
N GLY A 1 -6.61 6.62 9.69
CA GLY A 1 -5.25 6.11 9.57
C GLY A 1 -5.23 4.58 9.59
N PRO A 2 -5.65 4.01 8.45
CA PRO A 2 -5.71 2.57 8.25
C PRO A 2 -4.42 2.09 7.59
N ARG A 3 -4.16 0.79 7.67
CA ARG A 3 -2.96 0.23 7.09
C ARG A 3 -3.26 -1.12 6.45
N MET A 4 -2.56 -1.40 5.37
CA MET A 4 -2.74 -2.65 4.65
C MET A 4 -1.68 -3.68 5.08
N GLN A 5 -1.69 -4.80 4.37
CA GLN A 5 -0.75 -5.87 4.66
C GLN A 5 -0.80 -6.93 3.56
N CYS A 6 0.35 -7.15 2.95
CA CYS A 6 0.46 -8.13 1.88
C CYS A 6 0.45 -9.53 2.51
N SER A 7 -0.02 -10.49 1.72
CA SER A 7 -0.09 -11.87 2.19
C SER A 7 0.93 -12.73 1.43
N VAL A 8 2.20 -12.47 1.72
CA VAL A 8 3.26 -13.21 1.08
C VAL A 8 4.56 -13.02 1.86
N CYS A 9 4.95 -11.76 2.03
CA CYS A 9 6.15 -11.43 2.76
C CYS A 9 5.75 -10.90 4.14
N GLN A 10 4.60 -10.23 4.17
CA GLN A 10 4.10 -9.68 5.41
C GLN A 10 4.63 -8.26 5.61
N TRP A 11 4.16 -7.35 4.76
CA TRP A 11 4.57 -5.96 4.83
C TRP A 11 3.31 -5.11 5.02
N ILE A 12 3.35 -4.30 6.08
CA ILE A 12 2.22 -3.43 6.39
C ILE A 12 2.42 -2.09 5.69
N TYR A 13 1.35 -1.64 5.03
CA TYR A 13 1.36 -0.39 4.30
C TYR A 13 0.84 0.73 5.19
N ASP A 14 1.74 1.51 5.75
CA ASP A 14 1.35 2.61 6.62
C ASP A 14 1.36 3.91 5.82
N PRO A 15 0.15 4.45 5.59
CA PRO A 15 -0.07 5.68 4.86
C PRO A 15 0.80 6.79 5.46
N ALA A 16 1.17 6.64 6.72
CA ALA A 16 1.98 7.64 7.38
C ALA A 16 3.44 7.48 6.93
N LYS A 17 3.69 6.37 6.26
CA LYS A 17 5.03 6.09 5.76
C LYS A 17 4.96 5.67 4.30
N GLY A 18 4.49 4.45 4.08
CA GLY A 18 4.36 3.92 2.74
C GLY A 18 5.70 3.99 1.99
N GLU A 19 5.59 4.18 0.68
CA GLU A 19 6.78 4.27 -0.16
C GLU A 19 6.69 5.50 -1.07
N PRO A 20 6.99 6.65 -0.47
CA PRO A 20 6.98 7.95 -1.13
C PRO A 20 8.05 7.97 -2.20
N MET A 21 8.80 6.88 -2.33
CA MET A 21 9.85 6.80 -3.32
C MET A 21 9.58 5.69 -4.33
N GLN A 22 8.30 5.38 -4.50
CA GLN A 22 7.90 4.34 -5.43
C GLN A 22 6.65 4.76 -6.20
N ASP A 23 6.39 6.07 -6.16
CA ASP A 23 5.24 6.62 -6.85
C ASP A 23 4.01 6.51 -5.94
N VAL A 24 4.27 6.41 -4.65
CA VAL A 24 3.20 6.30 -3.67
C VAL A 24 3.60 7.05 -2.39
N ALA A 25 3.05 8.25 -2.26
CA ALA A 25 3.33 9.07 -1.09
C ALA A 25 2.38 8.70 0.04
N PRO A 26 2.72 9.16 1.25
CA PRO A 26 1.97 8.92 2.46
C PRO A 26 0.53 9.39 2.25
N GLY A 27 -0.32 9.14 3.24
CA GLY A 27 -1.71 9.53 3.15
C GLY A 27 -2.23 9.39 1.71
N THR A 28 -2.13 8.18 1.20
CA THR A 28 -2.59 7.90 -0.15
C THR A 28 -3.67 6.82 -0.15
N PRO A 29 -4.65 7.00 -1.02
CA PRO A 29 -5.77 6.10 -1.19
C PRO A 29 -5.34 4.87 -1.98
N TRP A 30 -5.46 3.71 -1.38
CA TRP A 30 -5.07 2.48 -2.04
C TRP A 30 -5.84 2.38 -3.37
N SER A 31 -6.93 3.14 -3.43
CA SER A 31 -7.75 3.16 -4.62
C SER A 31 -7.08 3.98 -5.72
N GLU A 32 -6.72 5.20 -5.37
CA GLU A 32 -6.06 6.09 -6.31
C GLU A 32 -4.70 5.52 -6.72
N VAL A 33 -4.12 4.75 -5.81
CA VAL A 33 -2.83 4.14 -6.06
C VAL A 33 -2.76 3.67 -7.51
N PRO A 34 -1.67 4.04 -8.19
CA PRO A 34 -1.40 3.71 -9.57
C PRO A 34 -1.49 2.20 -9.75
N ASP A 35 -1.78 1.77 -10.97
CA ASP A 35 -1.88 0.34 -11.26
C ASP A 35 -0.51 -0.19 -11.70
N ASN A 36 0.16 -0.85 -10.76
CA ASN A 36 1.47 -1.42 -11.03
C ASN A 36 2.16 -1.73 -9.71
N PHE A 37 2.42 -0.68 -8.94
CA PHE A 37 3.08 -0.83 -7.65
C PHE A 37 3.07 -2.29 -7.20
N LEU A 38 4.26 -2.84 -7.02
CA LEU A 38 4.39 -4.22 -6.59
C LEU A 38 5.10 -4.26 -5.23
N CYS A 39 4.56 -5.08 -4.34
CA CYS A 39 5.13 -5.22 -3.01
C CYS A 39 6.64 -5.00 -3.11
N PRO A 40 7.14 -4.11 -2.24
CA PRO A 40 8.53 -3.76 -2.16
C PRO A 40 9.29 -4.83 -1.40
N GLU A 41 8.61 -5.91 -1.06
CA GLU A 41 9.24 -7.00 -0.33
C GLU A 41 8.82 -8.35 -0.92
N CYS A 42 8.06 -8.28 -2.00
CA CYS A 42 7.59 -9.48 -2.68
C CYS A 42 6.71 -9.05 -3.86
N SER A 43 7.15 -7.99 -4.53
CA SER A 43 6.41 -7.47 -5.67
C SER A 43 5.17 -8.34 -5.92
N LEU A 44 4.12 -8.02 -5.18
CA LEU A 44 2.87 -8.76 -5.33
C LEU A 44 1.83 -7.86 -5.98
N GLY A 45 0.93 -8.49 -6.73
CA GLY A 45 -0.12 -7.76 -7.42
C GLY A 45 -0.95 -6.94 -6.43
N LYS A 46 -2.01 -6.34 -6.96
CA LYS A 46 -2.90 -5.53 -6.14
C LYS A 46 -4.25 -6.24 -6.01
N ASP A 47 -4.22 -7.55 -6.22
CA ASP A 47 -5.43 -8.35 -6.12
C ASP A 47 -5.51 -8.97 -4.73
N VAL A 48 -4.43 -9.63 -4.34
CA VAL A 48 -4.36 -10.28 -3.04
C VAL A 48 -4.49 -9.22 -1.95
N PHE A 49 -3.67 -8.18 -2.07
CA PHE A 49 -3.69 -7.10 -1.10
C PHE A 49 -5.11 -6.84 -0.59
N GLU A 50 -5.18 -6.36 0.64
CA GLU A 50 -6.46 -6.06 1.25
C GLU A 50 -6.37 -4.79 2.11
N GLU A 51 -7.28 -4.69 3.06
CA GLU A 51 -7.30 -3.54 3.95
C GLU A 51 -7.49 -2.25 3.15
N LEU A 52 -7.17 -1.14 3.79
CA LEU A 52 -7.29 0.16 3.14
C LEU A 52 -6.14 1.06 3.60
N ALA A 53 -6.14 2.28 3.07
CA ALA A 53 -5.11 3.24 3.40
C ALA A 53 -5.66 4.66 3.22
N SER A 54 -4.85 5.63 3.61
CA SER A 54 -5.24 7.02 3.51
C SER A 54 -6.13 7.41 4.68
N GLU A 55 -6.61 8.65 4.64
CA GLU A 55 -7.47 9.15 5.69
C GLU A 55 -6.63 9.71 6.85
N ALA A 56 -5.73 8.88 7.34
CA ALA A 56 -4.87 9.29 8.43
C ALA A 56 -5.72 9.75 9.61
N LYS A 57 -5.05 10.33 10.59
CA LYS A 57 -5.74 10.82 11.78
C LYS A 57 -4.99 12.04 12.33
N GLY A 1 -2.75 5.73 10.36
CA GLY A 1 -3.92 5.53 9.52
C GLY A 1 -4.11 4.05 9.18
N PRO A 2 -4.86 3.81 8.11
CA PRO A 2 -5.17 2.48 7.60
C PRO A 2 -3.93 1.90 6.93
N ARG A 3 -3.63 0.64 7.22
CA ARG A 3 -2.47 0.00 6.64
C ARG A 3 -2.80 -1.44 6.25
N MET A 4 -2.38 -1.82 5.06
CA MET A 4 -2.62 -3.16 4.56
C MET A 4 -1.57 -4.14 5.09
N GLN A 5 -1.76 -5.40 4.74
CA GLN A 5 -0.85 -6.44 5.18
C GLN A 5 -0.85 -7.60 4.17
N CYS A 6 0.09 -7.53 3.24
CA CYS A 6 0.21 -8.55 2.22
C CYS A 6 0.34 -9.91 2.91
N SER A 7 -0.52 -10.83 2.51
CA SER A 7 -0.52 -12.17 3.08
C SER A 7 0.50 -13.04 2.36
N VAL A 8 1.63 -12.43 2.03
CA VAL A 8 2.69 -13.15 1.33
C VAL A 8 4.01 -12.94 2.07
N CYS A 9 4.40 -11.69 2.19
CA CYS A 9 5.63 -11.35 2.87
C CYS A 9 5.31 -10.36 4.00
N GLN A 10 4.03 -10.32 4.35
CA GLN A 10 3.57 -9.44 5.41
C GLN A 10 4.33 -8.11 5.34
N TRP A 11 3.70 -7.13 4.71
CA TRP A 11 4.29 -5.81 4.58
C TRP A 11 3.24 -4.77 4.93
N ILE A 12 3.39 -4.20 6.11
CA ILE A 12 2.45 -3.18 6.58
C ILE A 12 2.68 -1.89 5.81
N TYR A 13 1.61 -1.43 5.16
CA TYR A 13 1.66 -0.21 4.37
C TYR A 13 1.05 0.94 5.16
N ASP A 14 1.87 1.68 5.88
CA ASP A 14 1.40 2.80 6.67
C ASP A 14 1.40 4.06 5.82
N PRO A 15 0.19 4.56 5.54
CA PRO A 15 -0.04 5.75 4.75
C PRO A 15 0.76 6.92 5.32
N ALA A 16 1.20 6.76 6.57
CA ALA A 16 1.97 7.82 7.22
C ALA A 16 3.45 7.65 6.87
N LYS A 17 3.74 6.56 6.17
CA LYS A 17 5.11 6.28 5.77
C LYS A 17 5.12 5.84 4.30
N GLY A 18 4.48 4.70 4.05
CA GLY A 18 4.41 4.15 2.71
C GLY A 18 5.75 4.30 1.99
N GLU A 19 5.68 4.76 0.75
CA GLU A 19 6.87 4.95 -0.05
C GLU A 19 6.68 6.13 -1.00
N PRO A 20 6.92 7.33 -0.47
CA PRO A 20 6.80 8.59 -1.19
C PRO A 20 7.94 8.70 -2.20
N MET A 21 8.68 7.62 -2.38
CA MET A 21 9.79 7.62 -3.31
C MET A 21 9.58 6.59 -4.43
N GLN A 22 8.31 6.26 -4.65
CA GLN A 22 7.96 5.29 -5.67
C GLN A 22 6.67 5.72 -6.39
N ASP A 23 6.31 6.97 -6.18
CA ASP A 23 5.10 7.51 -6.79
C ASP A 23 3.91 7.21 -5.90
N VAL A 24 4.19 7.03 -4.62
CA VAL A 24 3.14 6.74 -3.65
C VAL A 24 3.41 7.51 -2.36
N ALA A 25 2.88 8.71 -2.31
CA ALA A 25 3.06 9.56 -1.13
C ALA A 25 2.15 9.06 -0.01
N PRO A 26 2.39 9.60 1.19
CA PRO A 26 1.66 9.28 2.39
C PRO A 26 0.18 9.50 2.16
N GLY A 27 -0.66 8.99 3.05
CA GLY A 27 -2.09 9.14 2.92
C GLY A 27 -2.52 9.07 1.46
N THR A 28 -2.24 7.94 0.84
CA THR A 28 -2.59 7.73 -0.55
C THR A 28 -3.62 6.60 -0.69
N PRO A 29 -4.83 6.99 -1.05
CA PRO A 29 -5.96 6.09 -1.24
C PRO A 29 -5.52 4.90 -2.08
N TRP A 30 -5.64 3.70 -1.52
CA TRP A 30 -5.25 2.50 -2.23
C TRP A 30 -5.79 2.61 -3.65
N SER A 31 -6.90 3.32 -3.78
CA SER A 31 -7.52 3.50 -5.08
C SER A 31 -6.63 4.36 -5.98
N GLU A 32 -6.16 5.46 -5.42
CA GLU A 32 -5.30 6.38 -6.15
C GLU A 32 -3.99 5.68 -6.52
N VAL A 33 -3.53 4.84 -5.60
CA VAL A 33 -2.30 4.10 -5.82
C VAL A 33 -2.29 3.52 -7.23
N PRO A 34 -1.29 3.93 -8.02
CA PRO A 34 -1.09 3.50 -9.39
C PRO A 34 -1.02 1.98 -9.45
N ASP A 35 -1.29 1.42 -10.62
CA ASP A 35 -1.25 -0.03 -10.78
C ASP A 35 0.18 -0.45 -11.10
N ASN A 36 1.11 0.48 -10.90
CA ASN A 36 2.51 0.21 -11.17
C ASN A 36 3.24 -0.01 -9.85
N PHE A 37 2.49 -0.45 -8.86
CA PHE A 37 3.05 -0.71 -7.54
C PHE A 37 2.96 -2.19 -7.19
N LEU A 38 4.08 -2.72 -6.73
CA LEU A 38 4.15 -4.12 -6.34
C LEU A 38 5.01 -4.26 -5.08
N CYS A 39 4.55 -5.12 -4.18
CA CYS A 39 5.27 -5.36 -2.95
C CYS A 39 6.76 -5.47 -3.27
N PRO A 40 7.54 -4.63 -2.58
CA PRO A 40 8.98 -4.56 -2.72
C PRO A 40 9.61 -5.82 -2.14
N GLU A 41 8.79 -6.73 -1.65
CA GLU A 41 9.29 -7.97 -1.08
C GLU A 41 8.61 -9.17 -1.73
N CYS A 42 7.34 -8.96 -2.10
CA CYS A 42 6.57 -10.02 -2.72
C CYS A 42 5.74 -9.40 -3.85
N SER A 43 6.38 -8.53 -4.61
CA SER A 43 5.71 -7.86 -5.71
C SER A 43 4.20 -8.01 -5.57
N LEU A 44 3.69 -9.09 -6.15
CA LEU A 44 2.27 -9.35 -6.10
C LEU A 44 1.59 -8.72 -7.32
N GLY A 45 0.27 -8.61 -7.23
CA GLY A 45 -0.51 -8.03 -8.31
C GLY A 45 -1.72 -7.27 -7.76
N LYS A 46 -1.48 -6.53 -6.69
CA LYS A 46 -2.53 -5.75 -6.07
C LYS A 46 -3.84 -6.55 -6.10
N ASP A 47 -3.69 -7.86 -5.99
CA ASP A 47 -4.84 -8.74 -6.00
C ASP A 47 -4.79 -9.67 -4.77
N VAL A 48 -4.36 -9.10 -3.66
CA VAL A 48 -4.25 -9.85 -2.42
C VAL A 48 -4.40 -8.90 -1.24
N PHE A 49 -3.52 -7.91 -1.21
CA PHE A 49 -3.54 -6.93 -0.12
C PHE A 49 -4.93 -6.82 0.50
N GLU A 50 -4.95 -6.79 1.82
CA GLU A 50 -6.21 -6.69 2.54
C GLU A 50 -7.05 -5.55 1.98
N GLU A 51 -7.01 -4.42 2.66
CA GLU A 51 -7.76 -3.25 2.23
C GLU A 51 -7.92 -2.27 3.40
N LEU A 52 -6.86 -1.48 3.60
CA LEU A 52 -6.88 -0.49 4.68
C LEU A 52 -5.74 0.50 4.45
N ALA A 53 -6.05 1.53 3.66
CA ALA A 53 -5.06 2.55 3.36
C ALA A 53 -5.77 3.92 3.27
N SER A 54 -4.96 4.96 3.37
CA SER A 54 -5.49 6.31 3.31
C SER A 54 -6.57 6.51 4.38
N GLU A 55 -6.21 7.24 5.41
CA GLU A 55 -7.13 7.51 6.50
C GLU A 55 -8.47 8.02 5.95
N ALA A 56 -9.51 7.24 6.21
CA ALA A 56 -10.84 7.59 5.75
C ALA A 56 -11.54 8.43 6.83
N LYS A 57 -11.63 7.83 8.01
CA LYS A 57 -12.28 8.51 9.13
C LYS A 57 -11.42 9.71 9.56
N GLY A 1 -5.73 6.40 10.03
CA GLY A 1 -4.57 5.83 9.39
C GLY A 1 -4.68 4.31 9.33
N PRO A 2 -5.21 3.82 8.19
CA PRO A 2 -5.41 2.42 7.91
C PRO A 2 -4.19 1.86 7.20
N ARG A 3 -3.82 0.63 7.51
CA ARG A 3 -2.67 0.00 6.88
C ARG A 3 -3.08 -1.34 6.26
N MET A 4 -2.41 -1.66 5.15
CA MET A 4 -2.68 -2.92 4.46
C MET A 4 -1.52 -3.90 4.63
N GLN A 5 -1.81 -5.16 4.34
CA GLN A 5 -0.82 -6.21 4.46
C GLN A 5 -0.95 -7.21 3.31
N CYS A 6 0.19 -7.74 2.90
CA CYS A 6 0.21 -8.71 1.81
C CYS A 6 0.27 -10.11 2.42
N SER A 7 -0.64 -10.96 1.95
CA SER A 7 -0.70 -12.33 2.44
C SER A 7 0.40 -13.17 1.77
N VAL A 8 1.61 -12.64 1.81
CA VAL A 8 2.75 -13.32 1.22
C VAL A 8 3.97 -13.15 2.12
N CYS A 9 4.30 -11.88 2.35
CA CYS A 9 5.45 -11.56 3.19
C CYS A 9 4.93 -10.98 4.51
N GLN A 10 3.80 -10.29 4.41
CA GLN A 10 3.20 -9.67 5.58
C GLN A 10 3.84 -8.32 5.87
N TRP A 11 3.78 -7.45 4.87
CA TRP A 11 4.35 -6.11 4.99
C TRP A 11 3.21 -5.14 5.29
N ILE A 12 3.42 -4.33 6.32
CA ILE A 12 2.41 -3.35 6.71
C ILE A 12 2.67 -2.04 5.96
N TYR A 13 1.62 -1.57 5.28
CA TYR A 13 1.69 -0.34 4.51
C TYR A 13 1.13 0.81 5.33
N ASP A 14 2.02 1.60 5.92
CA ASP A 14 1.60 2.74 6.74
C ASP A 14 1.55 3.98 5.85
N PRO A 15 0.33 4.48 5.64
CA PRO A 15 0.04 5.65 4.84
C PRO A 15 0.83 6.83 5.38
N ALA A 16 1.32 6.71 6.61
CA ALA A 16 2.10 7.78 7.22
C ALA A 16 3.41 7.95 6.46
N LYS A 17 3.90 6.85 5.92
CA LYS A 17 5.15 6.86 5.18
C LYS A 17 4.94 6.17 3.84
N GLY A 18 4.53 4.91 3.91
CA GLY A 18 4.30 4.13 2.70
C GLY A 18 5.53 4.11 1.81
N GLU A 19 5.38 4.68 0.62
CA GLU A 19 6.48 4.73 -0.33
C GLU A 19 6.40 6.00 -1.17
N PRO A 20 6.96 7.08 -0.61
CA PRO A 20 7.01 8.39 -1.23
C PRO A 20 8.07 8.40 -2.32
N MET A 21 8.57 7.24 -2.68
CA MET A 21 9.59 7.14 -3.72
C MET A 21 9.22 6.06 -4.74
N GLN A 22 7.93 5.78 -4.83
CA GLN A 22 7.45 4.78 -5.76
C GLN A 22 6.19 5.28 -6.47
N ASP A 23 5.93 6.57 -6.32
CA ASP A 23 4.77 7.18 -6.94
C ASP A 23 3.56 7.01 -6.00
N VAL A 24 3.85 6.76 -4.74
CA VAL A 24 2.81 6.58 -3.75
C VAL A 24 3.14 7.40 -2.51
N ALA A 25 2.75 8.66 -2.55
CA ALA A 25 3.00 9.56 -1.43
C ALA A 25 2.16 9.12 -0.23
N PRO A 26 2.56 9.61 0.95
CA PRO A 26 1.92 9.33 2.21
C PRO A 26 0.44 9.65 2.12
N GLY A 27 -0.32 9.27 3.13
CA GLY A 27 -1.75 9.53 3.15
C GLY A 27 -2.34 9.37 1.74
N THR A 28 -2.14 8.19 1.18
CA THR A 28 -2.65 7.90 -0.15
C THR A 28 -3.66 6.75 -0.09
N PRO A 29 -4.80 6.96 -0.75
CA PRO A 29 -5.88 6.01 -0.83
C PRO A 29 -5.49 4.86 -1.73
N TRP A 30 -5.51 3.65 -1.18
CA TRP A 30 -5.15 2.47 -1.95
C TRP A 30 -5.87 2.54 -3.29
N SER A 31 -7.00 3.23 -3.29
CA SER A 31 -7.79 3.38 -4.50
C SER A 31 -7.01 4.20 -5.53
N GLU A 32 -6.37 5.25 -5.05
CA GLU A 32 -5.59 6.12 -5.91
C GLU A 32 -4.32 5.40 -6.39
N VAL A 33 -3.79 4.57 -5.50
CA VAL A 33 -2.59 3.83 -5.80
C VAL A 33 -2.71 3.21 -7.20
N PRO A 34 -1.80 3.64 -8.08
CA PRO A 34 -1.73 3.20 -9.46
C PRO A 34 -1.61 1.69 -9.50
N ASP A 35 -1.80 1.10 -10.68
CA ASP A 35 -1.70 -0.34 -10.83
C ASP A 35 -0.26 -0.71 -11.23
N ASN A 36 0.69 0.03 -10.66
CA ASN A 36 2.09 -0.22 -10.96
C ASN A 36 2.86 -0.34 -9.64
N PHE A 37 2.25 -1.04 -8.70
CA PHE A 37 2.86 -1.24 -7.40
C PHE A 37 3.12 -2.73 -7.15
N LEU A 38 4.32 -3.01 -6.63
CA LEU A 38 4.70 -4.38 -6.34
C LEU A 38 5.51 -4.41 -5.03
N CYS A 39 5.00 -5.19 -4.09
CA CYS A 39 5.65 -5.32 -2.80
C CYS A 39 7.17 -5.36 -3.03
N PRO A 40 7.88 -4.51 -2.29
CA PRO A 40 9.31 -4.38 -2.34
C PRO A 40 9.96 -5.61 -1.69
N GLU A 41 9.13 -6.51 -1.19
CA GLU A 41 9.64 -7.71 -0.55
C GLU A 41 9.02 -8.96 -1.18
N CYS A 42 7.74 -8.83 -1.51
CA CYS A 42 7.01 -9.94 -2.11
C CYS A 42 6.24 -9.41 -3.32
N SER A 43 6.92 -8.56 -4.09
CA SER A 43 6.30 -7.97 -5.26
C SER A 43 5.04 -8.74 -5.65
N LEU A 44 3.93 -8.03 -5.68
CA LEU A 44 2.65 -8.63 -6.02
C LEU A 44 2.03 -7.86 -7.20
N GLY A 45 0.73 -8.07 -7.37
CA GLY A 45 0.01 -7.42 -8.44
C GLY A 45 -0.99 -6.39 -7.89
N LYS A 46 -1.11 -6.39 -6.56
CA LYS A 46 -2.03 -5.48 -5.90
C LYS A 46 -3.45 -6.01 -6.03
N ASP A 47 -3.56 -7.22 -6.57
CA ASP A 47 -4.86 -7.84 -6.75
C ASP A 47 -5.16 -8.74 -5.55
N VAL A 48 -4.32 -8.62 -4.54
CA VAL A 48 -4.49 -9.41 -3.33
C VAL A 48 -4.59 -8.48 -2.12
N PHE A 49 -3.51 -7.73 -1.91
CA PHE A 49 -3.47 -6.79 -0.79
C PHE A 49 -4.87 -6.47 -0.28
N GLU A 50 -5.06 -6.68 1.01
CA GLU A 50 -6.34 -6.41 1.63
C GLU A 50 -6.24 -5.20 2.57
N GLU A 51 -7.37 -4.88 3.18
CA GLU A 51 -7.42 -3.75 4.10
C GLU A 51 -7.64 -2.44 3.33
N LEU A 52 -7.18 -1.37 3.92
CA LEU A 52 -7.32 -0.06 3.31
C LEU A 52 -6.09 0.79 3.64
N ALA A 53 -6.12 2.04 3.16
CA ALA A 53 -5.02 2.94 3.39
C ALA A 53 -5.55 4.38 3.44
N SER A 54 -4.63 5.31 3.60
CA SER A 54 -4.99 6.72 3.67
C SER A 54 -5.73 7.00 4.98
N GLU A 55 -5.31 8.05 5.65
CA GLU A 55 -5.92 8.44 6.92
C GLU A 55 -7.44 8.36 6.81
N ALA A 56 -7.99 9.13 5.88
CA ALA A 56 -9.43 9.14 5.68
C ALA A 56 -9.74 9.94 4.41
N LYS A 57 -9.10 9.53 3.32
CA LYS A 57 -9.30 10.20 2.05
C LYS A 57 -8.83 11.65 2.14
N GLY A 1 -3.51 6.66 8.06
CA GLY A 1 -4.30 6.16 9.18
C GLY A 1 -4.39 4.63 9.15
N PRO A 2 -5.07 4.14 8.12
CA PRO A 2 -5.28 2.72 7.88
C PRO A 2 -4.00 2.08 7.40
N ARG A 3 -4.02 0.77 7.20
CA ARG A 3 -2.83 0.06 6.75
C ARG A 3 -3.24 -1.22 6.02
N MET A 4 -2.31 -1.71 5.21
CA MET A 4 -2.55 -2.93 4.45
C MET A 4 -1.41 -3.93 4.63
N GLN A 5 -1.71 -5.19 4.37
CA GLN A 5 -0.72 -6.24 4.49
C GLN A 5 -0.87 -7.25 3.36
N CYS A 6 0.27 -7.66 2.82
CA CYS A 6 0.28 -8.63 1.73
C CYS A 6 0.30 -10.03 2.33
N SER A 7 -0.48 -10.91 1.72
CA SER A 7 -0.56 -12.28 2.18
C SER A 7 0.60 -13.10 1.61
N VAL A 8 1.80 -12.59 1.82
CA VAL A 8 3.00 -13.25 1.33
C VAL A 8 4.16 -12.95 2.28
N CYS A 9 4.43 -11.66 2.46
CA CYS A 9 5.51 -11.22 3.32
C CYS A 9 4.89 -10.62 4.59
N GLN A 10 3.76 -9.95 4.40
CA GLN A 10 3.07 -9.33 5.52
C GLN A 10 3.68 -7.96 5.81
N TRP A 11 3.73 -7.14 4.77
CA TRP A 11 4.28 -5.80 4.91
C TRP A 11 3.12 -4.85 5.25
N ILE A 12 3.24 -4.21 6.39
CA ILE A 12 2.23 -3.27 6.84
C ILE A 12 2.46 -1.92 6.18
N TYR A 13 1.70 -1.69 5.09
CA TYR A 13 1.79 -0.45 4.35
C TYR A 13 1.19 0.69 5.16
N ASP A 14 2.04 1.50 5.77
CA ASP A 14 1.57 2.61 6.57
C ASP A 14 1.51 3.87 5.70
N PRO A 15 0.29 4.35 5.47
CA PRO A 15 -0.01 5.52 4.67
C PRO A 15 0.82 6.70 5.18
N ALA A 16 1.22 6.63 6.44
CA ALA A 16 2.02 7.71 7.03
C ALA A 16 3.47 7.53 6.64
N LYS A 17 3.75 6.40 6.01
CA LYS A 17 5.11 6.10 5.57
C LYS A 17 5.08 5.63 4.12
N GLY A 18 4.64 4.39 3.94
CA GLY A 18 4.55 3.82 2.60
C GLY A 18 5.89 3.96 1.86
N GLU A 19 5.80 4.55 0.68
CA GLU A 19 6.98 4.75 -0.13
C GLU A 19 6.85 6.04 -0.96
N PRO A 20 7.17 7.16 -0.30
CA PRO A 20 7.12 8.49 -0.88
C PRO A 20 8.10 8.58 -2.05
N MET A 21 8.78 7.48 -2.33
CA MET A 21 9.74 7.46 -3.42
C MET A 21 9.50 6.24 -4.33
N GLN A 22 8.25 5.83 -4.40
CA GLN A 22 7.88 4.69 -5.23
C GLN A 22 6.63 5.01 -6.03
N ASP A 23 6.38 6.30 -6.22
CA ASP A 23 5.22 6.74 -6.96
C ASP A 23 3.99 6.64 -6.07
N VAL A 24 4.22 6.62 -4.77
CA VAL A 24 3.14 6.52 -3.80
C VAL A 24 3.50 7.32 -2.56
N ALA A 25 2.93 8.51 -2.46
CA ALA A 25 3.19 9.38 -1.33
C ALA A 25 2.30 8.96 -0.15
N PRO A 26 2.68 9.43 1.04
CA PRO A 26 1.98 9.16 2.27
C PRO A 26 0.58 9.74 2.23
N GLY A 27 -0.34 9.16 2.99
CA GLY A 27 -1.70 9.66 3.01
C GLY A 27 -2.36 9.50 1.63
N THR A 28 -2.25 8.30 1.09
CA THR A 28 -2.83 8.02 -0.22
C THR A 28 -3.73 6.79 -0.13
N PRO A 29 -4.87 6.87 -0.83
CA PRO A 29 -5.88 5.84 -0.90
C PRO A 29 -5.38 4.70 -1.79
N TRP A 30 -5.47 3.47 -1.29
CA TRP A 30 -5.02 2.33 -2.05
C TRP A 30 -5.75 2.34 -3.40
N SER A 31 -6.92 2.96 -3.40
CA SER A 31 -7.73 3.05 -4.60
C SER A 31 -7.04 3.95 -5.62
N GLU A 32 -6.42 5.02 -5.12
CA GLU A 32 -5.72 5.96 -5.98
C GLU A 32 -4.42 5.34 -6.49
N VAL A 33 -3.81 4.52 -5.64
CA VAL A 33 -2.56 3.87 -5.99
C VAL A 33 -2.64 3.39 -7.43
N PRO A 34 -1.75 3.94 -8.27
CA PRO A 34 -1.65 3.62 -9.68
C PRO A 34 -1.45 2.13 -9.85
N ASP A 35 -2.43 1.47 -10.46
CA ASP A 35 -2.35 0.03 -10.67
C ASP A 35 -0.99 -0.31 -11.26
N ASN A 36 -0.15 -0.90 -10.41
CA ASN A 36 1.19 -1.29 -10.83
C ASN A 36 2.03 -1.61 -9.60
N PHE A 37 2.21 -0.60 -8.76
CA PHE A 37 3.00 -0.76 -7.55
C PHE A 37 3.02 -2.22 -7.11
N LEU A 38 4.20 -2.68 -6.74
CA LEU A 38 4.38 -4.05 -6.29
C LEU A 38 5.21 -4.07 -5.01
N CYS A 39 4.74 -4.85 -4.05
CA CYS A 39 5.43 -4.96 -2.77
C CYS A 39 6.93 -5.05 -3.04
N PRO A 40 7.69 -4.20 -2.34
CA PRO A 40 9.12 -4.11 -2.43
C PRO A 40 9.76 -5.32 -1.75
N GLU A 41 8.92 -6.20 -1.21
CA GLU A 41 9.43 -7.39 -0.53
C GLU A 41 8.81 -8.64 -1.15
N CYS A 42 7.55 -8.53 -1.53
CA CYS A 42 6.84 -9.64 -2.13
C CYS A 42 5.99 -9.11 -3.29
N SER A 43 6.60 -8.22 -4.06
CA SER A 43 5.91 -7.63 -5.20
C SER A 43 4.65 -8.43 -5.52
N LEU A 44 3.53 -7.73 -5.53
CA LEU A 44 2.26 -8.36 -5.82
C LEU A 44 1.57 -7.61 -6.97
N GLY A 45 0.61 -8.27 -7.58
CA GLY A 45 -0.12 -7.68 -8.68
C GLY A 45 -1.28 -6.83 -8.17
N LYS A 46 -1.25 -6.54 -6.88
CA LYS A 46 -2.28 -5.73 -6.26
C LYS A 46 -3.59 -6.53 -6.20
N ASP A 47 -3.48 -7.79 -6.60
CA ASP A 47 -4.64 -8.67 -6.60
C ASP A 47 -4.56 -9.61 -5.40
N VAL A 48 -3.63 -9.31 -4.51
CA VAL A 48 -3.44 -10.11 -3.31
C VAL A 48 -3.30 -9.19 -2.09
N PHE A 49 -3.86 -8.00 -2.22
CA PHE A 49 -3.80 -7.02 -1.16
C PHE A 49 -5.19 -6.75 -0.58
N GLU A 50 -5.21 -6.35 0.68
CA GLU A 50 -6.47 -6.05 1.35
C GLU A 50 -6.26 -4.97 2.40
N GLU A 51 -7.32 -4.71 3.15
CA GLU A 51 -7.28 -3.69 4.19
C GLU A 51 -7.65 -2.32 3.62
N LEU A 52 -7.12 -1.29 4.25
CA LEU A 52 -7.38 0.07 3.81
C LEU A 52 -6.10 0.89 3.88
N ALA A 53 -6.23 2.18 3.60
CA ALA A 53 -5.08 3.08 3.62
C ALA A 53 -5.58 4.52 3.59
N SER A 54 -4.61 5.44 3.61
CA SER A 54 -4.93 6.86 3.59
C SER A 54 -5.67 7.24 4.87
N GLU A 55 -5.22 8.35 5.47
CA GLU A 55 -5.83 8.83 6.69
C GLU A 55 -7.34 9.01 6.50
N ALA A 56 -8.08 8.45 7.44
CA ALA A 56 -9.54 8.54 7.39
C ALA A 56 -9.95 9.99 7.18
N LYS A 57 -11.26 10.20 7.10
CA LYS A 57 -11.79 11.54 6.90
C LYS A 57 -12.86 11.81 7.96
N GLY A 1 -6.55 6.44 9.70
CA GLY A 1 -5.22 5.93 9.40
C GLY A 1 -5.24 4.40 9.30
N PRO A 2 -5.68 3.92 8.13
CA PRO A 2 -5.78 2.51 7.82
C PRO A 2 -4.49 2.04 7.15
N ARG A 3 -4.27 0.74 7.13
CA ARG A 3 -3.08 0.19 6.52
C ARG A 3 -3.38 -1.18 5.90
N MET A 4 -2.43 -1.65 5.10
CA MET A 4 -2.58 -2.94 4.45
C MET A 4 -1.46 -3.91 4.85
N GLN A 5 -1.78 -5.19 4.81
CA GLN A 5 -0.82 -6.21 5.17
C GLN A 5 -0.83 -7.34 4.15
N CYS A 6 0.11 -7.27 3.22
CA CYS A 6 0.22 -8.27 2.17
C CYS A 6 0.27 -9.65 2.84
N SER A 7 -0.70 -10.49 2.46
CA SER A 7 -0.77 -11.83 3.01
C SER A 7 0.16 -12.76 2.25
N VAL A 8 1.35 -12.25 1.96
CA VAL A 8 2.35 -13.02 1.23
C VAL A 8 3.69 -12.95 1.97
N CYS A 9 4.15 -11.71 2.16
CA CYS A 9 5.41 -11.49 2.84
C CYS A 9 5.16 -10.50 3.98
N GLN A 10 3.89 -10.30 4.29
CA GLN A 10 3.50 -9.39 5.35
C GLN A 10 4.24 -8.06 5.20
N TRP A 11 3.49 -7.05 4.78
CA TRP A 11 4.05 -5.72 4.60
C TRP A 11 3.01 -4.70 5.05
N ILE A 12 3.24 -4.15 6.24
CA ILE A 12 2.33 -3.17 6.81
C ILE A 12 2.57 -1.82 6.13
N TYR A 13 1.68 -1.52 5.16
CA TYR A 13 1.76 -0.28 4.41
C TYR A 13 1.19 0.86 5.24
N ASP A 14 2.07 1.62 5.88
CA ASP A 14 1.62 2.74 6.70
C ASP A 14 1.62 4.02 5.86
N PRO A 15 0.42 4.53 5.60
CA PRO A 15 0.18 5.73 4.83
C PRO A 15 1.03 6.87 5.38
N ALA A 16 1.34 6.81 6.66
CA ALA A 16 2.15 7.84 7.29
C ALA A 16 3.59 7.74 6.78
N LYS A 17 3.86 6.64 6.09
CA LYS A 17 5.19 6.41 5.54
C LYS A 17 5.06 5.91 4.10
N GLY A 18 4.64 4.66 3.96
CA GLY A 18 4.48 4.07 2.66
C GLY A 18 5.76 4.19 1.83
N GLU A 19 5.62 4.83 0.67
CA GLU A 19 6.76 5.03 -0.21
C GLU A 19 6.62 6.36 -0.95
N PRO A 20 6.97 7.44 -0.27
CA PRO A 20 6.92 8.79 -0.77
C PRO A 20 7.98 8.97 -1.87
N MET A 21 8.53 7.86 -2.33
CA MET A 21 9.55 7.91 -3.36
C MET A 21 9.49 6.68 -4.26
N GLN A 22 8.27 6.18 -4.45
CA GLN A 22 8.05 5.01 -5.28
C GLN A 22 6.81 5.20 -6.15
N ASP A 23 6.34 6.44 -6.19
CA ASP A 23 5.16 6.76 -6.99
C ASP A 23 3.91 6.55 -6.13
N VAL A 24 4.10 6.64 -4.82
CA VAL A 24 3.00 6.46 -3.89
C VAL A 24 3.28 7.28 -2.62
N ALA A 25 2.79 8.52 -2.63
CA ALA A 25 2.97 9.41 -1.51
C ALA A 25 2.21 8.86 -0.30
N PRO A 26 2.63 9.31 0.88
CA PRO A 26 2.05 8.92 2.16
C PRO A 26 0.62 9.42 2.23
N GLY A 27 -0.21 8.74 3.02
CA GLY A 27 -1.60 9.13 3.16
C GLY A 27 -2.32 9.09 1.82
N THR A 28 -2.19 7.96 1.15
CA THR A 28 -2.83 7.77 -0.14
C THR A 28 -3.78 6.58 -0.10
N PRO A 29 -4.96 6.76 -0.70
CA PRO A 29 -6.01 5.77 -0.78
C PRO A 29 -5.56 4.63 -1.69
N TRP A 30 -5.62 3.42 -1.18
CA TRP A 30 -5.21 2.26 -1.97
C TRP A 30 -5.91 2.34 -3.33
N SER A 31 -7.05 3.03 -3.33
CA SER A 31 -7.81 3.19 -4.56
C SER A 31 -7.06 4.10 -5.53
N GLU A 32 -6.55 5.19 -4.99
CA GLU A 32 -5.81 6.14 -5.80
C GLU A 32 -4.51 5.52 -6.31
N VAL A 33 -3.93 4.68 -5.46
CA VAL A 33 -2.69 4.00 -5.82
C VAL A 33 -2.80 3.46 -7.25
N PRO A 34 -1.94 3.98 -8.12
CA PRO A 34 -1.86 3.62 -9.51
C PRO A 34 -1.64 2.12 -9.64
N ASP A 35 -1.73 1.60 -10.85
CA ASP A 35 -1.54 0.18 -11.08
C ASP A 35 -0.10 -0.07 -11.51
N ASN A 36 0.60 -0.83 -10.68
CA ASN A 36 1.99 -1.16 -10.96
C ASN A 36 2.70 -1.53 -9.65
N PHE A 37 2.68 -0.59 -8.71
CA PHE A 37 3.30 -0.80 -7.42
C PHE A 37 3.35 -2.29 -7.08
N LEU A 38 4.54 -2.75 -6.73
CA LEU A 38 4.73 -4.16 -6.38
C LEU A 38 5.42 -4.23 -5.01
N CYS A 39 4.98 -5.20 -4.22
CA CYS A 39 5.55 -5.40 -2.89
C CYS A 39 7.06 -5.56 -3.03
N PRO A 40 7.79 -4.60 -2.46
CA PRO A 40 9.23 -4.55 -2.46
C PRO A 40 9.79 -5.88 -1.99
N GLU A 41 8.91 -6.75 -1.49
CA GLU A 41 9.35 -8.05 -1.00
C GLU A 41 8.66 -9.17 -1.79
N CYS A 42 7.35 -9.04 -1.92
CA CYS A 42 6.57 -10.03 -2.65
C CYS A 42 5.84 -9.32 -3.79
N SER A 43 6.57 -8.45 -4.47
CA SER A 43 6.00 -7.70 -5.58
C SER A 43 4.48 -7.86 -5.59
N LEU A 44 4.04 -8.91 -6.27
CA LEU A 44 2.61 -9.18 -6.37
C LEU A 44 2.04 -8.47 -7.59
N GLY A 45 0.72 -8.35 -7.62
CA GLY A 45 0.04 -7.70 -8.72
C GLY A 45 -1.11 -6.83 -8.22
N LYS A 46 -1.12 -6.60 -6.91
CA LYS A 46 -2.15 -5.78 -6.30
C LYS A 46 -3.48 -6.55 -6.33
N ASP A 47 -3.37 -7.86 -6.50
CA ASP A 47 -4.54 -8.71 -6.54
C ASP A 47 -4.56 -9.61 -5.30
N VAL A 48 -4.13 -9.04 -4.18
CA VAL A 48 -4.09 -9.78 -2.93
C VAL A 48 -4.27 -8.79 -1.77
N PHE A 49 -3.39 -7.81 -1.72
CA PHE A 49 -3.42 -6.81 -0.68
C PHE A 49 -4.85 -6.63 -0.14
N GLU A 50 -4.93 -6.46 1.17
CA GLU A 50 -6.23 -6.29 1.81
C GLU A 50 -6.21 -5.02 2.69
N GLU A 51 -7.30 -4.85 3.42
CA GLU A 51 -7.41 -3.70 4.30
C GLU A 51 -7.64 -2.43 3.48
N LEU A 52 -7.13 -1.32 4.01
CA LEU A 52 -7.28 -0.04 3.34
C LEU A 52 -6.05 0.82 3.63
N ALA A 53 -6.14 2.08 3.23
CA ALA A 53 -5.05 3.01 3.45
C ALA A 53 -5.59 4.45 3.42
N SER A 54 -4.70 5.40 3.65
CA SER A 54 -5.07 6.80 3.63
C SER A 54 -5.84 7.14 4.92
N GLU A 55 -5.36 8.18 5.59
CA GLU A 55 -5.99 8.62 6.82
C GLU A 55 -7.46 8.93 6.58
N ALA A 56 -8.23 8.93 7.67
CA ALA A 56 -9.65 9.21 7.59
C ALA A 56 -9.87 10.72 7.54
N LYS A 57 -11.13 11.10 7.41
CA LYS A 57 -11.48 12.52 7.33
C LYS A 57 -12.38 12.87 8.51
N GLY A 1 -6.38 7.13 9.35
CA GLY A 1 -5.07 6.58 9.07
C GLY A 1 -5.08 5.06 9.19
N PRO A 2 -5.55 4.41 8.12
CA PRO A 2 -5.64 2.97 8.01
C PRO A 2 -4.40 2.43 7.33
N ARG A 3 -4.19 1.12 7.41
CA ARG A 3 -3.04 0.50 6.81
C ARG A 3 -3.42 -0.83 6.16
N MET A 4 -2.47 -1.40 5.43
CA MET A 4 -2.70 -2.67 4.77
C MET A 4 -1.50 -3.61 4.94
N GLN A 5 -1.64 -4.81 4.41
CA GLN A 5 -0.58 -5.79 4.50
C GLN A 5 -0.80 -6.90 3.45
N CYS A 6 0.32 -7.44 2.97
CA CYS A 6 0.27 -8.49 1.97
C CYS A 6 0.47 -9.83 2.67
N SER A 7 -0.45 -10.74 2.41
CA SER A 7 -0.39 -12.07 3.01
C SER A 7 0.59 -12.95 2.23
N VAL A 8 1.79 -12.42 2.03
CA VAL A 8 2.82 -13.14 1.30
C VAL A 8 4.17 -12.92 2.00
N CYS A 9 4.56 -11.67 2.06
CA CYS A 9 5.83 -11.31 2.68
C CYS A 9 5.53 -10.65 4.03
N GLN A 10 4.28 -10.21 4.17
CA GLN A 10 3.86 -9.56 5.40
C GLN A 10 4.49 -8.18 5.51
N TRP A 11 4.04 -7.29 4.64
CA TRP A 11 4.56 -5.93 4.63
C TRP A 11 3.40 -4.99 4.95
N ILE A 12 3.47 -4.38 6.13
CA ILE A 12 2.44 -3.46 6.57
C ILE A 12 2.65 -2.10 5.88
N TYR A 13 1.63 -1.70 5.11
CA TYR A 13 1.68 -0.44 4.39
C TYR A 13 1.05 0.66 5.24
N ASP A 14 1.88 1.51 5.83
CA ASP A 14 1.39 2.58 6.66
C ASP A 14 1.45 3.90 5.87
N PRO A 15 0.27 4.39 5.50
CA PRO A 15 0.09 5.62 4.76
C PRO A 15 0.81 6.76 5.47
N ALA A 16 1.13 6.56 6.73
CA ALA A 16 1.83 7.58 7.50
C ALA A 16 3.21 7.82 6.89
N LYS A 17 3.74 6.78 6.28
CA LYS A 17 5.05 6.86 5.66
C LYS A 17 4.96 6.37 4.21
N GLY A 18 4.28 5.24 4.05
CA GLY A 18 4.11 4.66 2.73
C GLY A 18 5.45 4.53 2.01
N GLU A 19 5.40 4.71 0.69
CA GLU A 19 6.60 4.63 -0.11
C GLU A 19 6.66 5.80 -1.09
N PRO A 20 6.64 7.01 -0.53
CA PRO A 20 6.69 8.26 -1.26
C PRO A 20 7.79 8.18 -2.32
N MET A 21 8.77 7.30 -2.11
CA MET A 21 9.85 7.15 -3.06
C MET A 21 9.49 6.13 -4.15
N GLN A 22 8.20 5.90 -4.28
CA GLN A 22 7.70 4.95 -5.27
C GLN A 22 6.45 5.51 -5.96
N ASP A 23 6.44 6.82 -6.13
CA ASP A 23 5.31 7.48 -6.77
C ASP A 23 4.06 7.29 -5.90
N VAL A 24 4.30 7.03 -4.62
CA VAL A 24 3.22 6.83 -3.69
C VAL A 24 3.54 7.54 -2.37
N ALA A 25 3.08 8.77 -2.25
CA ALA A 25 3.32 9.56 -1.07
C ALA A 25 2.47 9.02 0.08
N PRO A 26 2.79 9.46 1.30
CA PRO A 26 2.11 9.08 2.52
C PRO A 26 0.71 9.65 2.51
N GLY A 27 -0.24 8.88 3.02
CA GLY A 27 -1.63 9.32 3.06
C GLY A 27 -2.28 9.24 1.68
N THR A 28 -2.10 8.09 1.05
CA THR A 28 -2.66 7.87 -0.27
C THR A 28 -3.64 6.70 -0.26
N PRO A 29 -4.75 6.88 -0.97
CA PRO A 29 -5.81 5.90 -1.10
C PRO A 29 -5.32 4.71 -1.93
N TRP A 30 -5.37 3.52 -1.34
CA TRP A 30 -4.92 2.33 -2.04
C TRP A 30 -5.54 2.34 -3.43
N SER A 31 -6.67 3.03 -3.55
CA SER A 31 -7.37 3.13 -4.82
C SER A 31 -6.51 3.89 -5.83
N GLU A 32 -5.98 5.02 -5.38
CA GLU A 32 -5.14 5.85 -6.23
C GLU A 32 -3.86 5.09 -6.60
N VAL A 33 -3.36 4.34 -5.62
CA VAL A 33 -2.14 3.58 -5.83
C VAL A 33 -2.21 2.85 -7.18
N PRO A 34 -1.40 3.34 -8.12
CA PRO A 34 -1.31 2.82 -9.46
C PRO A 34 -0.93 1.35 -9.41
N ASP A 35 -1.76 0.49 -10.00
CA ASP A 35 -1.49 -0.94 -10.00
C ASP A 35 0.01 -1.17 -10.24
N ASN A 36 0.61 -0.24 -10.97
CA ASN A 36 2.03 -0.33 -11.28
C ASN A 36 2.80 -0.66 -10.00
N PHE A 37 2.21 -0.31 -8.88
CA PHE A 37 2.82 -0.56 -7.58
C PHE A 37 2.94 -2.07 -7.32
N LEU A 38 4.10 -2.46 -6.85
CA LEU A 38 4.36 -3.86 -6.55
C LEU A 38 5.16 -3.97 -5.25
N CYS A 39 4.64 -4.77 -4.34
CA CYS A 39 5.30 -4.97 -3.05
C CYS A 39 6.80 -5.10 -3.30
N PRO A 40 7.57 -4.32 -2.53
CA PRO A 40 9.01 -4.29 -2.59
C PRO A 40 9.58 -5.55 -1.98
N GLU A 41 8.71 -6.44 -1.53
CA GLU A 41 9.14 -7.69 -0.93
C GLU A 41 8.51 -8.88 -1.65
N CYS A 42 7.26 -8.69 -2.05
CA CYS A 42 6.53 -9.72 -2.74
C CYS A 42 5.67 -9.07 -3.83
N SER A 43 6.28 -8.11 -4.51
CA SER A 43 5.59 -7.40 -5.58
C SER A 43 4.08 -7.59 -5.44
N LEU A 44 3.57 -8.59 -6.16
CA LEU A 44 2.15 -8.88 -6.13
C LEU A 44 1.45 -8.10 -7.24
N GLY A 45 0.35 -8.66 -7.73
CA GLY A 45 -0.43 -8.03 -8.78
C GLY A 45 -1.61 -7.26 -8.19
N LYS A 46 -1.40 -6.71 -7.00
CA LYS A 46 -2.44 -5.96 -6.33
C LYS A 46 -3.77 -6.73 -6.41
N ASP A 47 -3.63 -8.04 -6.55
CA ASP A 47 -4.80 -8.90 -6.64
C ASP A 47 -4.85 -9.82 -5.42
N VAL A 48 -4.41 -9.26 -4.29
CA VAL A 48 -4.40 -10.02 -3.05
C VAL A 48 -4.59 -9.06 -1.88
N PHE A 49 -3.71 -8.07 -1.81
CA PHE A 49 -3.78 -7.07 -0.74
C PHE A 49 -5.20 -6.94 -0.22
N GLU A 50 -5.31 -6.84 1.10
CA GLU A 50 -6.60 -6.70 1.74
C GLU A 50 -6.50 -5.80 2.97
N GLU A 51 -7.12 -4.63 2.87
CA GLU A 51 -7.09 -3.67 3.97
C GLU A 51 -7.46 -2.29 3.45
N LEU A 52 -7.25 -1.29 4.32
CA LEU A 52 -7.55 0.08 3.97
C LEU A 52 -6.29 0.94 4.12
N ALA A 53 -6.33 2.11 3.50
CA ALA A 53 -5.20 3.02 3.57
C ALA A 53 -5.70 4.46 3.47
N SER A 54 -4.76 5.38 3.50
CA SER A 54 -5.10 6.80 3.43
C SER A 54 -5.85 7.22 4.68
N GLU A 55 -5.33 8.26 5.33
CA GLU A 55 -5.94 8.77 6.54
C GLU A 55 -7.17 9.61 6.20
N ALA A 56 -8.33 8.96 6.22
CA ALA A 56 -9.58 9.63 5.92
C ALA A 56 -10.00 10.48 7.11
N LYS A 57 -10.20 9.79 8.24
CA LYS A 57 -10.62 10.47 9.46
C LYS A 57 -9.37 10.86 10.26
N GLY A 1 -5.54 6.35 9.73
CA GLY A 1 -4.31 5.85 9.15
C GLY A 1 -4.24 4.33 9.24
N PRO A 2 -4.86 3.66 8.26
CA PRO A 2 -4.92 2.23 8.15
C PRO A 2 -3.78 1.73 7.27
N ARG A 3 -3.43 0.46 7.41
CA ARG A 3 -2.35 -0.11 6.62
C ARG A 3 -2.70 -1.54 6.19
N MET A 4 -2.30 -1.87 4.98
CA MET A 4 -2.56 -3.20 4.44
C MET A 4 -1.46 -4.18 4.85
N GLN A 5 -1.68 -5.44 4.48
CA GLN A 5 -0.73 -6.48 4.80
C GLN A 5 -0.69 -7.53 3.69
N CYS A 6 0.35 -7.42 2.86
CA CYS A 6 0.52 -8.35 1.75
C CYS A 6 0.48 -9.77 2.30
N SER A 7 -0.36 -10.59 1.67
CA SER A 7 -0.50 -11.98 2.09
C SER A 7 0.58 -12.83 1.43
N VAL A 8 1.80 -12.30 1.43
CA VAL A 8 2.92 -13.01 0.85
C VAL A 8 4.12 -12.91 1.79
N CYS A 9 4.59 -11.69 1.98
CA CYS A 9 5.74 -11.45 2.84
C CYS A 9 5.29 -10.51 3.97
N GLN A 10 3.99 -10.46 4.17
CA GLN A 10 3.43 -9.60 5.20
C GLN A 10 4.18 -8.28 5.27
N TRP A 11 3.71 -7.32 4.50
CA TRP A 11 4.33 -6.01 4.46
C TRP A 11 3.27 -4.96 4.82
N ILE A 12 3.49 -4.30 5.94
CA ILE A 12 2.57 -3.28 6.41
C ILE A 12 2.80 -2.00 5.62
N TYR A 13 1.68 -1.38 5.22
CA TYR A 13 1.72 -0.14 4.47
C TYR A 13 1.11 0.98 5.28
N ASP A 14 1.94 1.79 5.92
CA ASP A 14 1.47 2.90 6.72
C ASP A 14 1.48 4.18 5.88
N PRO A 15 0.26 4.67 5.58
CA PRO A 15 0.04 5.86 4.79
C PRO A 15 0.83 7.02 5.39
N ALA A 16 1.20 6.89 6.65
CA ALA A 16 1.96 7.94 7.31
C ALA A 16 3.43 7.84 6.91
N LYS A 17 3.75 6.78 6.17
CA LYS A 17 5.10 6.55 5.72
C LYS A 17 5.07 6.04 4.28
N GLY A 18 4.56 4.82 4.13
CA GLY A 18 4.47 4.21 2.81
C GLY A 18 5.80 4.31 2.06
N GLU A 19 5.70 4.79 0.83
CA GLU A 19 6.88 4.96 0.00
C GLU A 19 6.74 6.19 -0.90
N PRO A 20 7.03 7.35 -0.30
CA PRO A 20 6.96 8.64 -0.96
C PRO A 20 8.10 8.76 -1.96
N MET A 21 8.78 7.66 -2.22
CA MET A 21 9.88 7.66 -3.16
C MET A 21 9.70 6.59 -4.24
N GLN A 22 8.45 6.23 -4.45
CA GLN A 22 8.13 5.22 -5.45
C GLN A 22 6.85 5.61 -6.21
N ASP A 23 6.47 6.87 -6.05
CA ASP A 23 5.28 7.38 -6.70
C ASP A 23 4.05 7.04 -5.85
N VAL A 24 4.25 7.06 -4.55
CA VAL A 24 3.17 6.76 -3.62
C VAL A 24 3.39 7.52 -2.31
N ALA A 25 2.89 8.75 -2.28
CA ALA A 25 3.03 9.58 -1.10
C ALA A 25 2.17 9.02 0.03
N PRO A 26 2.40 9.54 1.24
CA PRO A 26 1.71 9.16 2.44
C PRO A 26 0.24 9.55 2.33
N GLY A 27 -0.62 8.87 3.09
CA GLY A 27 -2.03 9.18 3.06
C GLY A 27 -2.56 9.18 1.62
N THR A 28 -2.35 8.06 0.95
CA THR A 28 -2.80 7.92 -0.43
C THR A 28 -3.85 6.82 -0.54
N PRO A 29 -4.87 7.11 -1.36
CA PRO A 29 -5.97 6.20 -1.62
C PRO A 29 -5.48 4.98 -2.37
N TRP A 30 -5.48 3.84 -1.69
CA TRP A 30 -5.02 2.60 -2.31
C TRP A 30 -5.62 2.53 -3.72
N SER A 31 -6.77 3.17 -3.87
CA SER A 31 -7.46 3.19 -5.16
C SER A 31 -6.61 3.95 -6.19
N GLU A 32 -6.16 5.13 -5.79
CA GLU A 32 -5.34 5.96 -6.66
C GLU A 32 -4.03 5.25 -6.99
N VAL A 33 -3.50 4.56 -5.99
CA VAL A 33 -2.25 3.84 -6.17
C VAL A 33 -2.27 3.12 -7.52
N PRO A 34 -1.18 3.28 -8.27
CA PRO A 34 -0.98 2.70 -9.58
C PRO A 34 -0.75 1.20 -9.43
N ASP A 35 -1.67 0.41 -9.99
CA ASP A 35 -1.55 -1.03 -9.91
C ASP A 35 -0.10 -1.44 -10.18
N ASN A 36 0.58 -0.61 -10.94
CA ASN A 36 1.97 -0.86 -11.28
C ASN A 36 2.76 -1.15 -10.00
N PHE A 37 2.37 -0.46 -8.94
CA PHE A 37 3.03 -0.64 -7.66
C PHE A 37 2.92 -2.09 -7.18
N LEU A 38 3.96 -2.52 -6.49
CA LEU A 38 4.00 -3.88 -5.97
C LEU A 38 4.81 -3.91 -4.67
N CYS A 39 4.42 -4.82 -3.78
CA CYS A 39 5.10 -4.95 -2.51
C CYS A 39 6.59 -5.18 -2.78
N PRO A 40 7.40 -4.21 -2.35
CA PRO A 40 8.83 -4.21 -2.50
C PRO A 40 9.44 -5.22 -1.53
N GLU A 41 9.33 -6.50 -1.87
CA GLU A 41 9.88 -7.55 -1.01
C GLU A 41 9.38 -8.91 -1.46
N CYS A 42 8.18 -8.91 -2.04
CA CYS A 42 7.58 -10.15 -2.52
C CYS A 42 6.89 -9.86 -3.86
N SER A 43 6.15 -8.77 -3.88
CA SER A 43 5.43 -8.37 -5.08
C SER A 43 4.00 -8.90 -5.03
N LEU A 44 3.16 -8.28 -5.84
CA LEU A 44 1.75 -8.68 -5.90
C LEU A 44 1.06 -7.89 -7.02
N GLY A 45 -0.01 -8.49 -7.54
CA GLY A 45 -0.77 -7.86 -8.61
C GLY A 45 -1.77 -6.84 -8.04
N LYS A 46 -1.63 -6.58 -6.75
CA LYS A 46 -2.51 -5.63 -6.08
C LYS A 46 -3.91 -6.24 -5.96
N ASP A 47 -3.99 -7.53 -6.26
CA ASP A 47 -5.25 -8.24 -6.18
C ASP A 47 -5.21 -9.23 -5.03
N VAL A 48 -4.88 -8.72 -3.85
CA VAL A 48 -4.78 -9.55 -2.66
C VAL A 48 -4.79 -8.66 -1.42
N PHE A 49 -3.92 -7.64 -1.47
CA PHE A 49 -3.82 -6.71 -0.35
C PHE A 49 -5.14 -6.61 0.41
N GLU A 50 -5.01 -6.51 1.73
CA GLU A 50 -6.19 -6.40 2.59
C GLU A 50 -7.12 -5.31 2.07
N GLU A 51 -7.10 -4.18 2.77
CA GLU A 51 -7.93 -3.06 2.40
C GLU A 51 -8.02 -2.06 3.56
N LEU A 52 -6.88 -1.47 3.89
CA LEU A 52 -6.82 -0.50 4.96
C LEU A 52 -5.71 0.51 4.68
N ALA A 53 -6.07 1.56 3.94
CA ALA A 53 -5.13 2.59 3.59
C ALA A 53 -5.86 3.93 3.47
N SER A 54 -5.07 5.00 3.38
CA SER A 54 -5.63 6.33 3.27
C SER A 54 -6.63 6.58 4.39
N GLU A 55 -7.90 6.40 4.07
CA GLU A 55 -8.96 6.60 5.04
C GLU A 55 -9.25 8.09 5.20
N ALA A 56 -10.43 8.48 4.72
CA ALA A 56 -10.84 9.88 4.81
C ALA A 56 -12.37 9.94 4.91
N LYS A 57 -12.87 11.17 4.91
CA LYS A 57 -14.30 11.39 4.99
C LYS A 57 -14.69 12.60 4.16
N GLY A 1 -5.34 5.91 10.27
CA GLY A 1 -4.21 5.37 9.52
C GLY A 1 -4.34 3.85 9.35
N PRO A 2 -4.94 3.46 8.23
CA PRO A 2 -5.16 2.08 7.86
C PRO A 2 -4.02 1.59 6.99
N ARG A 3 -3.49 0.42 7.32
CA ARG A 3 -2.38 -0.15 6.54
C ARG A 3 -2.76 -1.53 6.01
N MET A 4 -2.27 -1.81 4.81
CA MET A 4 -2.55 -3.09 4.18
C MET A 4 -1.38 -4.06 4.37
N GLN A 5 -1.72 -5.34 4.45
CA GLN A 5 -0.73 -6.38 4.65
C GLN A 5 -0.92 -7.50 3.63
N CYS A 6 0.14 -7.78 2.89
CA CYS A 6 0.10 -8.83 1.89
C CYS A 6 0.23 -10.18 2.59
N SER A 7 -0.67 -11.09 2.22
CA SER A 7 -0.66 -12.42 2.81
C SER A 7 0.40 -13.28 2.13
N VAL A 8 1.62 -12.78 2.14
CA VAL A 8 2.74 -13.49 1.53
C VAL A 8 4.02 -13.16 2.30
N CYS A 9 4.34 -11.87 2.35
CA CYS A 9 5.52 -11.42 3.05
C CYS A 9 5.09 -10.70 4.32
N GLN A 10 3.95 -10.03 4.23
CA GLN A 10 3.42 -9.30 5.37
C GLN A 10 4.12 -7.94 5.50
N TRP A 11 3.95 -7.12 4.48
CA TRP A 11 4.54 -5.80 4.47
C TRP A 11 3.45 -4.77 4.76
N ILE A 12 3.54 -4.17 5.94
CA ILE A 12 2.57 -3.17 6.34
C ILE A 12 2.82 -1.87 5.57
N TYR A 13 1.79 -1.44 4.84
CA TYR A 13 1.87 -0.23 4.05
C TYR A 13 1.39 0.96 4.87
N ASP A 14 2.27 1.46 5.74
CA ASP A 14 1.91 2.59 6.57
C ASP A 14 1.70 3.83 5.69
N PRO A 15 0.43 4.26 5.61
CA PRO A 15 0.01 5.40 4.83
C PRO A 15 0.70 6.65 5.36
N ALA A 16 1.02 6.66 6.64
CA ALA A 16 1.68 7.82 7.23
C ALA A 16 3.07 7.98 6.60
N LYS A 17 3.52 6.93 5.94
CA LYS A 17 4.82 6.94 5.29
C LYS A 17 4.69 6.36 3.89
N GLY A 18 4.67 5.03 3.83
CA GLY A 18 4.55 4.35 2.56
C GLY A 18 5.88 4.37 1.79
N GLU A 19 5.78 4.70 0.51
CA GLU A 19 6.96 4.77 -0.33
C GLU A 19 6.87 5.98 -1.26
N PRO A 20 6.83 7.16 -0.64
CA PRO A 20 6.74 8.44 -1.32
C PRO A 20 7.82 8.50 -2.39
N MET A 21 8.84 7.67 -2.27
CA MET A 21 9.92 7.66 -3.25
C MET A 21 9.64 6.65 -4.36
N GLN A 22 8.37 6.31 -4.50
CA GLN A 22 7.97 5.34 -5.52
C GLN A 22 6.67 5.81 -6.18
N ASP A 23 6.49 7.12 -6.21
CA ASP A 23 5.29 7.69 -6.81
C ASP A 23 4.08 7.37 -5.94
N VAL A 24 4.34 7.19 -4.65
CA VAL A 24 3.29 6.88 -3.70
C VAL A 24 3.57 7.59 -2.39
N ALA A 25 3.05 8.82 -2.28
CA ALA A 25 3.23 9.61 -1.09
C ALA A 25 2.35 9.06 0.03
N PRO A 26 2.59 9.57 1.24
CA PRO A 26 1.87 9.19 2.44
C PRO A 26 0.43 9.68 2.34
N GLY A 27 -0.45 9.11 3.16
CA GLY A 27 -1.84 9.50 3.15
C GLY A 27 -2.42 9.42 1.73
N THR A 28 -2.38 8.22 1.17
CA THR A 28 -2.88 8.01 -0.17
C THR A 28 -3.88 6.84 -0.18
N PRO A 29 -4.95 7.02 -0.97
CA PRO A 29 -6.01 6.05 -1.13
C PRO A 29 -5.53 4.91 -2.02
N TRP A 30 -5.59 3.69 -1.50
CA TRP A 30 -5.15 2.53 -2.27
C TRP A 30 -5.77 2.63 -3.67
N SER A 31 -6.94 3.24 -3.72
CA SER A 31 -7.64 3.40 -4.98
C SER A 31 -6.81 4.27 -5.93
N GLU A 32 -6.21 5.31 -5.36
CA GLU A 32 -5.39 6.22 -6.13
C GLU A 32 -4.09 5.53 -6.54
N VAL A 33 -3.56 4.73 -5.64
CA VAL A 33 -2.32 4.02 -5.89
C VAL A 33 -2.34 3.46 -7.31
N PRO A 34 -1.35 3.88 -8.10
CA PRO A 34 -1.18 3.48 -9.48
C PRO A 34 -1.10 1.96 -9.55
N ASP A 35 -1.33 1.41 -10.74
CA ASP A 35 -1.27 -0.02 -10.93
C ASP A 35 0.16 -0.44 -11.27
N ASN A 36 1.09 0.46 -11.00
CA ASN A 36 2.49 0.20 -11.28
C ASN A 36 3.24 0.04 -9.97
N PHE A 37 2.54 -0.46 -8.96
CA PHE A 37 3.13 -0.66 -7.65
C PHE A 37 3.12 -2.14 -7.27
N LEU A 38 4.28 -2.62 -6.86
CA LEU A 38 4.42 -4.01 -6.47
C LEU A 38 5.16 -4.09 -5.13
N CYS A 39 4.69 -4.99 -4.28
CA CYS A 39 5.29 -5.18 -2.98
C CYS A 39 6.80 -5.35 -3.16
N PRO A 40 7.56 -4.57 -2.40
CA PRO A 40 9.01 -4.57 -2.41
C PRO A 40 9.53 -5.82 -1.72
N GLU A 41 8.61 -6.66 -1.25
CA GLU A 41 8.99 -7.89 -0.57
C GLU A 41 8.39 -9.10 -1.28
N CYS A 42 7.16 -8.92 -1.75
CA CYS A 42 6.46 -9.99 -2.45
C CYS A 42 5.60 -9.37 -3.54
N SER A 43 6.19 -8.42 -4.25
CA SER A 43 5.49 -7.74 -5.32
C SER A 43 3.97 -7.84 -5.10
N LEU A 44 3.38 -8.82 -5.76
CA LEU A 44 1.95 -9.03 -5.64
C LEU A 44 1.23 -8.32 -6.80
N GLY A 45 0.16 -8.95 -7.27
CA GLY A 45 -0.61 -8.39 -8.37
C GLY A 45 -1.74 -7.50 -7.85
N LYS A 46 -1.40 -6.70 -6.84
CA LYS A 46 -2.37 -5.80 -6.25
C LYS A 46 -3.72 -6.51 -6.15
N ASP A 47 -3.66 -7.81 -5.99
CA ASP A 47 -4.86 -8.62 -5.89
C ASP A 47 -4.72 -9.60 -4.72
N VAL A 48 -4.43 -9.05 -3.56
CA VAL A 48 -4.26 -9.86 -2.37
C VAL A 48 -4.31 -8.96 -1.13
N PHE A 49 -3.53 -7.89 -1.17
CA PHE A 49 -3.48 -6.95 -0.07
C PHE A 49 -4.85 -6.84 0.62
N GLU A 50 -4.80 -6.54 1.91
CA GLU A 50 -6.02 -6.41 2.69
C GLU A 50 -6.96 -5.39 2.04
N GLU A 51 -7.14 -4.27 2.74
CA GLU A 51 -8.00 -3.21 2.26
C GLU A 51 -8.11 -2.10 3.30
N LEU A 52 -6.97 -1.70 3.81
CA LEU A 52 -6.92 -0.65 4.81
C LEU A 52 -5.82 0.35 4.45
N ALA A 53 -6.22 1.41 3.76
CA ALA A 53 -5.27 2.44 3.35
C ALA A 53 -5.97 3.79 3.34
N SER A 54 -5.16 4.84 3.42
CA SER A 54 -5.70 6.19 3.43
C SER A 54 -6.64 6.38 4.62
N GLU A 55 -6.20 7.23 5.54
CA GLU A 55 -7.00 7.50 6.74
C GLU A 55 -8.22 8.35 6.37
N ALA A 56 -9.38 7.84 6.74
CA ALA A 56 -10.63 8.53 6.46
C ALA A 56 -10.96 9.47 7.61
N LYS A 57 -11.20 8.87 8.78
CA LYS A 57 -11.53 9.64 9.96
C LYS A 57 -10.75 9.08 11.15
N GLY A 1 -3.96 6.52 7.90
CA GLY A 1 -4.88 6.09 8.93
C GLY A 1 -4.85 4.57 9.10
N PRO A 2 -5.33 3.87 8.06
CA PRO A 2 -5.38 2.43 8.00
C PRO A 2 -4.13 1.89 7.33
N ARG A 3 -3.74 0.68 7.69
CA ARG A 3 -2.55 0.08 7.11
C ARG A 3 -2.91 -1.25 6.42
N MET A 4 -2.22 -1.52 5.32
CA MET A 4 -2.46 -2.74 4.57
C MET A 4 -1.38 -3.78 4.86
N GLN A 5 -1.82 -5.01 5.04
CA GLN A 5 -0.91 -6.11 5.32
C GLN A 5 -1.01 -7.18 4.24
N CYS A 6 0.12 -7.39 3.56
CA CYS A 6 0.18 -8.38 2.51
C CYS A 6 0.32 -9.77 3.14
N SER A 7 -0.44 -10.71 2.61
CA SER A 7 -0.40 -12.07 3.12
C SER A 7 0.55 -12.92 2.28
N VAL A 8 1.81 -12.50 2.25
CA VAL A 8 2.82 -13.21 1.49
C VAL A 8 4.18 -12.97 2.14
N CYS A 9 4.58 -11.70 2.19
CA CYS A 9 5.86 -11.34 2.77
C CYS A 9 5.58 -10.60 4.08
N GLN A 10 4.36 -10.14 4.22
CA GLN A 10 3.95 -9.42 5.42
C GLN A 10 4.62 -8.04 5.46
N TRP A 11 4.05 -7.12 4.68
CA TRP A 11 4.58 -5.77 4.62
C TRP A 11 3.44 -4.79 4.93
N ILE A 12 3.50 -4.21 6.11
CA ILE A 12 2.49 -3.25 6.53
C ILE A 12 2.71 -1.93 5.82
N TYR A 13 1.72 -1.57 4.98
CA TYR A 13 1.79 -0.33 4.23
C TYR A 13 1.14 0.80 5.02
N ASP A 14 1.96 1.54 5.75
CA ASP A 14 1.44 2.64 6.55
C ASP A 14 1.35 3.90 5.68
N PRO A 15 0.11 4.34 5.45
CA PRO A 15 -0.20 5.52 4.67
C PRO A 15 0.58 6.71 5.19
N ALA A 16 0.97 6.66 6.45
CA ALA A 16 1.72 7.75 7.05
C ALA A 16 3.13 7.79 6.45
N LYS A 17 3.49 6.68 5.82
CA LYS A 17 4.81 6.57 5.20
C LYS A 17 4.66 5.93 3.82
N GLY A 18 4.37 4.64 3.83
CA GLY A 18 4.20 3.89 2.59
C GLY A 18 5.50 3.89 1.78
N GLU A 19 5.47 4.64 0.69
CA GLU A 19 6.64 4.73 -0.18
C GLU A 19 6.61 6.06 -0.96
N PRO A 20 7.06 7.12 -0.29
CA PRO A 20 7.12 8.45 -0.83
C PRO A 20 8.26 8.55 -1.83
N MET A 21 8.86 7.40 -2.16
CA MET A 21 9.97 7.39 -3.10
C MET A 21 9.72 6.36 -4.21
N GLN A 22 8.45 6.04 -4.41
CA GLN A 22 8.07 5.08 -5.44
C GLN A 22 6.86 5.59 -6.22
N ASP A 23 6.55 6.86 -6.02
CA ASP A 23 5.43 7.48 -6.70
C ASP A 23 4.15 7.23 -5.90
N VAL A 24 4.33 7.09 -4.59
CA VAL A 24 3.21 6.85 -3.70
C VAL A 24 3.43 7.60 -2.39
N ALA A 25 2.93 8.83 -2.37
CA ALA A 25 3.06 9.67 -1.19
C ALA A 25 2.10 9.18 -0.11
N PRO A 26 2.44 9.53 1.14
CA PRO A 26 1.67 9.16 2.31
C PRO A 26 0.20 9.48 2.08
N GLY A 27 -0.65 9.02 2.99
CA GLY A 27 -2.08 9.26 2.85
C GLY A 27 -2.52 9.19 1.39
N THR A 28 -2.32 8.03 0.79
CA THR A 28 -2.68 7.82 -0.59
C THR A 28 -3.67 6.65 -0.72
N PRO A 29 -4.90 7.00 -1.07
CA PRO A 29 -5.99 6.06 -1.24
C PRO A 29 -5.52 4.88 -2.08
N TRP A 30 -5.59 3.68 -1.49
CA TRP A 30 -5.17 2.48 -2.20
C TRP A 30 -5.74 2.53 -3.61
N SER A 31 -6.87 3.21 -3.73
CA SER A 31 -7.54 3.34 -5.02
C SER A 31 -6.71 4.23 -5.95
N GLU A 32 -6.24 5.34 -5.39
CA GLU A 32 -5.44 6.28 -6.16
C GLU A 32 -4.11 5.64 -6.56
N VAL A 33 -3.59 4.81 -5.66
CA VAL A 33 -2.34 4.13 -5.92
C VAL A 33 -2.34 3.55 -7.34
N PRO A 34 -1.37 4.01 -8.13
CA PRO A 34 -1.19 3.61 -9.51
C PRO A 34 -1.08 2.09 -9.58
N ASP A 35 -1.20 1.54 -10.78
CA ASP A 35 -1.11 0.10 -10.96
C ASP A 35 0.34 -0.28 -11.24
N ASN A 36 1.24 0.64 -10.90
CA ASN A 36 2.65 0.41 -11.12
C ASN A 36 3.33 0.14 -9.77
N PHE A 37 2.53 -0.38 -8.84
CA PHE A 37 3.03 -0.69 -7.51
C PHE A 37 2.88 -2.17 -7.20
N LEU A 38 3.96 -2.76 -6.71
CA LEU A 38 3.96 -4.18 -6.37
C LEU A 38 4.80 -4.39 -5.12
N CYS A 39 4.32 -5.30 -4.27
CA CYS A 39 5.01 -5.61 -3.04
C CYS A 39 6.52 -5.57 -3.31
N PRO A 40 7.23 -4.80 -2.47
CA PRO A 40 8.66 -4.63 -2.55
C PRO A 40 9.36 -5.82 -1.91
N GLU A 41 8.58 -6.80 -1.48
CA GLU A 41 9.14 -7.98 -0.84
C GLU A 41 8.43 -9.24 -1.35
N CYS A 42 7.58 -9.05 -2.35
CA CYS A 42 6.83 -10.15 -2.91
C CYS A 42 5.93 -9.60 -4.02
N SER A 43 6.52 -8.72 -4.83
CA SER A 43 5.79 -8.11 -5.94
C SER A 43 4.43 -8.80 -6.10
N LEU A 44 3.38 -8.01 -5.97
CA LEU A 44 2.04 -8.53 -6.10
C LEU A 44 1.33 -7.82 -7.26
N GLY A 45 0.15 -8.32 -7.59
CA GLY A 45 -0.62 -7.74 -8.67
C GLY A 45 -1.77 -6.88 -8.13
N LYS A 46 -1.65 -6.52 -6.86
CA LYS A 46 -2.66 -5.71 -6.21
C LYS A 46 -3.96 -6.52 -6.10
N ASP A 47 -3.80 -7.82 -5.98
CA ASP A 47 -4.94 -8.71 -5.87
C ASP A 47 -4.72 -9.68 -4.71
N VAL A 48 -4.35 -9.11 -3.56
CA VAL A 48 -4.09 -9.90 -2.38
C VAL A 48 -4.25 -9.02 -1.14
N PHE A 49 -3.43 -7.98 -1.09
CA PHE A 49 -3.47 -7.06 0.03
C PHE A 49 -4.90 -6.92 0.59
N GLU A 50 -4.99 -6.92 1.90
CA GLU A 50 -6.29 -6.80 2.56
C GLU A 50 -7.08 -5.64 1.95
N GLU A 51 -7.02 -4.50 2.64
CA GLU A 51 -7.73 -3.31 2.18
C GLU A 51 -7.95 -2.34 3.34
N LEU A 52 -6.93 -1.53 3.59
CA LEU A 52 -7.00 -0.56 4.66
C LEU A 52 -5.83 0.41 4.55
N ALA A 53 -6.03 1.44 3.73
CA ALA A 53 -5.00 2.44 3.52
C ALA A 53 -5.65 3.83 3.41
N SER A 54 -4.80 4.84 3.35
CA SER A 54 -5.28 6.21 3.24
C SER A 54 -6.13 6.57 4.46
N GLU A 55 -5.92 7.77 4.96
CA GLU A 55 -6.66 8.24 6.12
C GLU A 55 -8.05 8.73 5.70
N ALA A 56 -9.06 8.02 6.18
CA ALA A 56 -10.43 8.38 5.86
C ALA A 56 -11.27 8.35 7.15
N LYS A 57 -11.41 7.15 7.70
CA LYS A 57 -12.17 6.98 8.92
C LYS A 57 -13.65 7.24 8.63
N GLY A 1 -4.10 6.18 10.16
CA GLY A 1 -5.05 5.73 9.16
C GLY A 1 -5.13 4.20 9.12
N PRO A 2 -5.54 3.68 7.96
CA PRO A 2 -5.68 2.27 7.70
C PRO A 2 -4.40 1.73 7.08
N ARG A 3 -3.99 0.53 7.47
CA ARG A 3 -2.80 -0.07 6.93
C ARG A 3 -3.12 -1.41 6.26
N MET A 4 -2.51 -1.62 5.11
CA MET A 4 -2.73 -2.86 4.36
C MET A 4 -1.55 -3.81 4.54
N GLN A 5 -1.80 -5.08 4.23
CA GLN A 5 -0.78 -6.10 4.34
C GLN A 5 -0.90 -7.11 3.20
N CYS A 6 0.25 -7.66 2.82
CA CYS A 6 0.28 -8.64 1.75
C CYS A 6 0.33 -10.04 2.37
N SER A 7 -0.56 -10.89 1.90
CA SER A 7 -0.63 -12.25 2.39
C SER A 7 0.48 -13.10 1.75
N VAL A 8 1.70 -12.59 1.84
CA VAL A 8 2.85 -13.28 1.28
C VAL A 8 4.05 -13.08 2.19
N CYS A 9 4.37 -11.82 2.42
CA CYS A 9 5.51 -11.48 3.26
C CYS A 9 4.96 -10.88 4.57
N GLN A 10 3.85 -10.19 4.44
CA GLN A 10 3.22 -9.56 5.60
C GLN A 10 3.86 -8.21 5.88
N TRP A 11 3.80 -7.34 4.88
CA TRP A 11 4.36 -6.02 5.00
C TRP A 11 3.21 -5.04 5.28
N ILE A 12 3.40 -4.25 6.33
CA ILE A 12 2.39 -3.26 6.71
C ILE A 12 2.63 -1.97 5.93
N TYR A 13 1.54 -1.46 5.34
CA TYR A 13 1.60 -0.24 4.57
C TYR A 13 1.01 0.92 5.38
N ASP A 14 1.89 1.70 6.00
CA ASP A 14 1.44 2.83 6.80
C ASP A 14 1.43 4.09 5.94
N PRO A 15 0.21 4.59 5.70
CA PRO A 15 -0.03 5.78 4.91
C PRO A 15 0.78 6.94 5.46
N ALA A 16 1.16 6.86 6.72
CA ALA A 16 1.94 7.91 7.35
C ALA A 16 3.36 7.90 6.77
N LYS A 17 3.66 6.82 6.06
CA LYS A 17 4.97 6.68 5.45
C LYS A 17 4.82 6.11 4.03
N GLY A 18 4.39 4.87 3.98
CA GLY A 18 4.19 4.20 2.70
C GLY A 18 5.54 3.92 2.01
N GLU A 19 5.60 4.29 0.75
CA GLU A 19 6.82 4.09 -0.03
C GLU A 19 7.00 5.23 -1.03
N PRO A 20 7.47 6.36 -0.51
CA PRO A 20 7.72 7.57 -1.27
C PRO A 20 8.68 7.26 -2.40
N MET A 21 8.88 8.23 -3.29
CA MET A 21 9.77 8.03 -4.42
C MET A 21 9.41 6.77 -5.19
N GLN A 22 8.14 6.39 -5.10
CA GLN A 22 7.66 5.21 -5.78
C GLN A 22 6.30 5.49 -6.43
N ASP A 23 5.94 6.76 -6.45
CA ASP A 23 4.68 7.18 -7.04
C ASP A 23 3.55 6.98 -6.02
N VAL A 24 3.96 6.76 -4.77
CA VAL A 24 3.00 6.56 -3.70
C VAL A 24 3.47 7.32 -2.46
N ALA A 25 3.00 8.55 -2.34
CA ALA A 25 3.36 9.39 -1.21
C ALA A 25 2.48 9.04 -0.02
N PRO A 26 2.87 9.54 1.15
CA PRO A 26 2.20 9.32 2.41
C PRO A 26 0.77 9.86 2.32
N GLY A 27 -0.14 9.25 3.05
CA GLY A 27 -1.53 9.68 3.03
C GLY A 27 -2.15 9.47 1.65
N THR A 28 -2.00 8.26 1.14
CA THR A 28 -2.53 7.93 -0.17
C THR A 28 -3.52 6.77 -0.06
N PRO A 29 -4.66 6.92 -0.74
CA PRO A 29 -5.73 5.95 -0.77
C PRO A 29 -5.35 4.80 -1.71
N TRP A 30 -5.46 3.58 -1.22
CA TRP A 30 -5.11 2.42 -2.04
C TRP A 30 -5.82 2.57 -3.39
N SER A 31 -6.97 3.24 -3.35
CA SER A 31 -7.74 3.45 -4.56
C SER A 31 -6.98 4.35 -5.52
N GLU A 32 -6.25 5.30 -4.96
CA GLU A 32 -5.46 6.22 -5.75
C GLU A 32 -4.20 5.54 -6.27
N VAL A 33 -3.67 4.65 -5.46
CA VAL A 33 -2.47 3.91 -5.83
C VAL A 33 -2.60 3.44 -7.28
N PRO A 34 -1.75 4.01 -8.13
CA PRO A 34 -1.69 3.71 -9.54
C PRO A 34 -1.44 2.23 -9.74
N ASP A 35 -2.43 1.53 -10.28
CA ASP A 35 -2.31 0.09 -10.50
C ASP A 35 -0.91 -0.20 -11.07
N ASN A 36 -0.14 -0.94 -10.29
CA ASN A 36 1.20 -1.30 -10.70
C ASN A 36 2.04 -1.63 -9.46
N PHE A 37 2.14 -0.64 -8.58
CA PHE A 37 2.90 -0.80 -7.36
C PHE A 37 3.01 -2.28 -6.97
N LEU A 38 4.22 -2.67 -6.59
CA LEU A 38 4.47 -4.05 -6.20
C LEU A 38 5.26 -4.07 -4.89
N CYS A 39 4.88 -4.99 -4.01
CA CYS A 39 5.53 -5.12 -2.73
C CYS A 39 7.05 -5.15 -2.97
N PRO A 40 7.76 -4.29 -2.24
CA PRO A 40 9.19 -4.16 -2.30
C PRO A 40 9.85 -5.35 -1.61
N GLU A 41 9.04 -6.26 -1.09
CA GLU A 41 9.56 -7.43 -0.41
C GLU A 41 9.01 -8.70 -1.05
N CYS A 42 7.75 -8.62 -1.46
CA CYS A 42 7.10 -9.76 -2.10
C CYS A 42 6.27 -9.24 -3.27
N SER A 43 6.87 -8.33 -4.03
CA SER A 43 6.20 -7.75 -5.17
C SER A 43 5.00 -8.62 -5.58
N LEU A 44 3.84 -7.98 -5.60
CA LEU A 44 2.61 -8.67 -5.96
C LEU A 44 1.98 -7.97 -7.16
N GLY A 45 0.81 -8.47 -7.53
CA GLY A 45 0.07 -7.91 -8.66
C GLY A 45 -1.01 -6.95 -8.19
N LYS A 46 -1.10 -6.80 -6.88
CA LYS A 46 -2.09 -5.92 -6.28
C LYS A 46 -3.47 -6.58 -6.38
N ASP A 47 -3.47 -7.85 -6.75
CA ASP A 47 -4.71 -8.60 -6.88
C ASP A 47 -4.89 -9.49 -5.66
N VAL A 48 -4.53 -8.95 -4.50
CA VAL A 48 -4.65 -9.69 -3.26
C VAL A 48 -4.74 -8.71 -2.09
N PHE A 49 -3.73 -7.86 -2.01
CA PHE A 49 -3.68 -6.87 -0.94
C PHE A 49 -5.08 -6.57 -0.41
N GLU A 50 -5.21 -6.68 0.91
CA GLU A 50 -6.48 -6.42 1.56
C GLU A 50 -6.45 -5.09 2.31
N GLU A 51 -7.14 -5.05 3.43
CA GLU A 51 -7.18 -3.85 4.24
C GLU A 51 -7.35 -2.62 3.35
N LEU A 52 -7.10 -1.45 3.94
CA LEU A 52 -7.22 -0.20 3.22
C LEU A 52 -6.04 0.70 3.57
N ALA A 53 -6.06 1.91 3.01
CA ALA A 53 -5.00 2.86 3.26
C ALA A 53 -5.59 4.27 3.32
N SER A 54 -4.71 5.25 3.41
CA SER A 54 -5.14 6.64 3.47
C SER A 54 -5.88 6.89 4.78
N GLU A 55 -5.42 7.91 5.51
CA GLU A 55 -6.03 8.26 6.78
C GLU A 55 -7.25 9.16 6.54
N ALA A 56 -8.37 8.74 7.13
CA ALA A 56 -9.61 9.49 7.00
C ALA A 56 -9.90 10.21 8.31
N LYS A 57 -11.02 10.93 8.32
CA LYS A 57 -11.43 11.67 9.50
C LYS A 57 -12.76 11.11 10.00
N GLY A 1 -5.10 6.25 10.45
CA GLY A 1 -4.36 5.72 9.31
C GLY A 1 -4.40 4.19 9.30
N PRO A 2 -5.06 3.64 8.28
CA PRO A 2 -5.21 2.21 8.08
C PRO A 2 -4.05 1.69 7.24
N ARG A 3 -3.63 0.46 7.50
CA ARG A 3 -2.53 -0.13 6.77
C ARG A 3 -2.94 -1.50 6.22
N MET A 4 -2.39 -1.83 5.06
CA MET A 4 -2.68 -3.10 4.43
C MET A 4 -1.48 -4.05 4.52
N GLN A 5 -1.77 -5.34 4.49
CA GLN A 5 -0.74 -6.35 4.56
C GLN A 5 -0.90 -7.36 3.43
N CYS A 6 0.24 -7.84 2.93
CA CYS A 6 0.24 -8.80 1.85
C CYS A 6 0.31 -10.21 2.47
N SER A 7 -0.27 -11.16 1.74
CA SER A 7 -0.28 -12.54 2.20
C SER A 7 0.84 -13.32 1.53
N VAL A 8 2.06 -12.84 1.71
CA VAL A 8 3.23 -13.47 1.13
C VAL A 8 4.46 -13.14 1.96
N CYS A 9 4.69 -11.85 2.12
CA CYS A 9 5.84 -11.37 2.89
C CYS A 9 5.33 -10.85 4.23
N GLN A 10 4.16 -10.21 4.18
CA GLN A 10 3.57 -9.66 5.38
C GLN A 10 4.15 -8.28 5.69
N TRP A 11 4.00 -7.38 4.71
CA TRP A 11 4.51 -6.03 4.87
C TRP A 11 3.33 -5.11 5.19
N ILE A 12 3.55 -4.24 6.16
CA ILE A 12 2.51 -3.30 6.57
C ILE A 12 2.70 -1.98 5.82
N TYR A 13 1.64 -1.55 5.15
CA TYR A 13 1.67 -0.31 4.39
C TYR A 13 1.09 0.82 5.24
N ASP A 14 1.95 1.61 5.84
CA ASP A 14 1.50 2.73 6.66
C ASP A 14 1.43 3.99 5.81
N PRO A 15 0.20 4.47 5.62
CA PRO A 15 -0.10 5.66 4.84
C PRO A 15 0.60 6.86 5.47
N ALA A 16 1.01 6.72 6.72
CA ALA A 16 1.70 7.81 7.40
C ALA A 16 3.09 7.99 6.80
N LYS A 17 3.53 6.97 6.08
CA LYS A 17 4.84 7.00 5.45
C LYS A 17 4.73 6.43 4.03
N GLY A 18 4.69 5.11 3.95
CA GLY A 18 4.59 4.43 2.67
C GLY A 18 5.92 4.48 1.93
N GLU A 19 5.82 4.54 0.60
CA GLU A 19 7.00 4.58 -0.24
C GLU A 19 6.93 5.77 -1.18
N PRO A 20 6.82 6.97 -0.60
CA PRO A 20 6.74 8.22 -1.30
C PRO A 20 7.80 8.27 -2.39
N MET A 21 8.85 7.47 -2.23
CA MET A 21 9.92 7.44 -3.21
C MET A 21 9.68 6.34 -4.25
N GLN A 22 8.42 5.98 -4.40
CA GLN A 22 8.05 4.94 -5.35
C GLN A 22 6.74 5.32 -6.06
N ASP A 23 6.47 6.62 -6.09
CA ASP A 23 5.27 7.12 -6.73
C ASP A 23 4.06 6.83 -5.84
N VAL A 24 4.31 6.84 -4.54
CA VAL A 24 3.27 6.58 -3.56
C VAL A 24 3.61 7.29 -2.25
N ALA A 25 3.05 8.49 -2.11
CA ALA A 25 3.28 9.28 -0.91
C ALA A 25 2.28 8.87 0.16
N PRO A 26 2.54 9.34 1.39
CA PRO A 26 1.73 9.08 2.56
C PRO A 26 0.29 9.52 2.28
N GLY A 27 -0.63 9.15 3.16
CA GLY A 27 -2.02 9.51 2.99
C GLY A 27 -2.44 9.39 1.52
N THR A 28 -2.32 8.18 1.00
CA THR A 28 -2.68 7.91 -0.38
C THR A 28 -3.76 6.84 -0.46
N PRO A 29 -4.69 7.03 -1.39
CA PRO A 29 -5.80 6.13 -1.64
C PRO A 29 -5.30 4.90 -2.38
N TRP A 30 -5.34 3.75 -1.71
CA TRP A 30 -4.89 2.51 -2.32
C TRP A 30 -5.59 2.37 -3.68
N SER A 31 -6.72 3.07 -3.80
CA SER A 31 -7.48 3.03 -5.03
C SER A 31 -6.80 3.88 -6.11
N GLU A 32 -6.63 5.16 -5.79
CA GLU A 32 -6.01 6.08 -6.71
C GLU A 32 -4.59 5.62 -7.04
N VAL A 33 -4.00 4.90 -6.09
CA VAL A 33 -2.65 4.39 -6.27
C VAL A 33 -2.46 3.93 -7.72
N PRO A 34 -1.32 4.31 -8.28
CA PRO A 34 -0.93 3.99 -9.64
C PRO A 34 -0.88 2.48 -9.82
N ASP A 35 -1.82 1.94 -10.58
CA ASP A 35 -1.86 0.50 -10.80
C ASP A 35 -0.52 0.05 -11.39
N ASN A 36 0.21 -0.71 -10.58
CA ASN A 36 1.50 -1.23 -11.00
C ASN A 36 2.35 -1.55 -9.76
N PHE A 37 2.55 -0.53 -8.94
CA PHE A 37 3.32 -0.70 -7.73
C PHE A 37 3.24 -2.13 -7.21
N LEU A 38 4.41 -2.73 -7.00
CA LEU A 38 4.48 -4.09 -6.51
C LEU A 38 5.25 -4.11 -5.19
N CYS A 39 4.77 -4.96 -4.28
CA CYS A 39 5.41 -5.08 -2.98
C CYS A 39 6.91 -5.29 -3.19
N PRO A 40 7.69 -4.48 -2.48
CA PRO A 40 9.14 -4.51 -2.52
C PRO A 40 9.66 -5.77 -1.84
N GLU A 41 8.74 -6.60 -1.37
CA GLU A 41 9.12 -7.83 -0.70
C GLU A 41 8.43 -9.02 -1.35
N CYS A 42 7.17 -8.80 -1.74
CA CYS A 42 6.39 -9.85 -2.37
C CYS A 42 5.54 -9.21 -3.48
N SER A 43 6.21 -8.38 -4.27
CA SER A 43 5.53 -7.69 -5.36
C SER A 43 4.02 -7.77 -5.17
N LEU A 44 3.44 -8.84 -5.69
CA LEU A 44 2.00 -9.04 -5.59
C LEU A 44 1.29 -8.08 -6.53
N GLY A 45 0.32 -8.62 -7.25
CA GLY A 45 -0.45 -7.81 -8.20
C GLY A 45 -1.00 -6.56 -7.51
N LYS A 46 -1.81 -6.79 -6.49
CA LYS A 46 -2.41 -5.69 -5.75
C LYS A 46 -3.64 -6.20 -5.00
N ASP A 47 -4.42 -7.01 -5.68
CA ASP A 47 -5.62 -7.58 -5.09
C ASP A 47 -5.23 -8.58 -4.01
N VAL A 48 -3.93 -8.83 -3.92
CA VAL A 48 -3.41 -9.76 -2.94
C VAL A 48 -3.09 -9.01 -1.65
N PHE A 49 -3.75 -7.87 -1.48
CA PHE A 49 -3.54 -7.06 -0.30
C PHE A 49 -4.86 -6.86 0.47
N GLU A 50 -4.72 -6.48 1.73
CA GLU A 50 -5.88 -6.25 2.57
C GLU A 50 -6.81 -5.21 1.94
N GLU A 51 -6.89 -4.06 2.60
CA GLU A 51 -7.73 -2.98 2.11
C GLU A 51 -7.95 -1.95 3.22
N LEU A 52 -6.84 -1.45 3.76
CA LEU A 52 -6.90 -0.47 4.82
C LEU A 52 -5.79 0.56 4.61
N ALA A 53 -6.13 1.61 3.86
CA ALA A 53 -5.17 2.66 3.58
C ALA A 53 -5.93 3.96 3.26
N SER A 54 -5.20 5.06 3.32
CA SER A 54 -5.79 6.36 3.04
C SER A 54 -6.83 6.70 4.11
N GLU A 55 -7.94 5.98 4.06
CA GLU A 55 -9.02 6.20 5.01
C GLU A 55 -9.95 7.30 4.51
N ALA A 56 -11.08 6.87 3.96
CA ALA A 56 -12.06 7.80 3.44
C ALA A 56 -13.39 7.07 3.19
N LYS A 57 -14.31 7.77 2.57
CA LYS A 57 -15.62 7.20 2.27
C LYS A 57 -16.42 8.19 1.44
#